data_6PU7
#
_entry.id   6PU7
#
_cell.length_a   86.427
_cell.length_b   96.516
_cell.length_c   127.725
_cell.angle_alpha   90.000
_cell.angle_beta   90.000
_cell.angle_gamma   90.000
#
_symmetry.space_group_name_H-M   'P 21 21 21'
#
loop_
_entity.id
_entity.type
_entity.pdbx_description
1 polymer 'Indoleamine 2,3-dioxygenase 1'
2 non-polymer 'PROTOPORPHYRIN IX CONTAINING FE'
3 non-polymer "N-{2-[(4-{N-[(7S)-4-fluorobicyclo[4.2.0]octa-1,3,5-trien-7-yl]-N'-hydroxycarbamimidoyl}-1,2,5-oxadiazol-3-yl)sulfanyl]ethyl}acetamide"
4 water water
#
_entity_poly.entity_id   1
_entity_poly.type   'polypeptide(L)'
_entity_poly.pdbx_seq_one_letter_code
;MISKEYHIDEEVGFALPNPQENLPDFYNDWMFIAKHLPDLIESGQLRERVEKLNMLSIDHLTDHKSQRLARLVLGCITMA
YVWGKGHGDVRKVLPRNIAVPYCQLSKKLELPPILVYADCVLANWKKKDPNKPLTYENMDVLFSFRDGDCSKGFFLVSLL
VEIAAASAIKVIPTVFKAMQMQERDTLLKALLEIASCLEKALQVFHQIHDHVNPKAFFSVLRIYLSGWKGNPQLSDGLVY
EGFWEDPKEFAGGSAGQSSVFQCFDVLLGIQQTAGGGHAAQFLQDMRRYMPPAHRNFLCSLESNPSVREFVLSKGDAGLR
EAYDACVKALVSLRSYHLQIVTKYILIPASQQPKENKTSEDPSKLEAKGTGGTDLMNFLKTVRSTTEKSLLKE
;
_entity_poly.pdbx_strand_id   A,B
#
loop_
_chem_comp.id
_chem_comp.type
_chem_comp.name
_chem_comp.formula
HEM non-polymer 'PROTOPORPHYRIN IX CONTAINING FE' 'C34 H32 Fe N4 O4'
OY4 non-polymer N-{2-[(4-{N-[(7S)-4-fluorobicyclo[4.2.0]octa-1,3,5-trien-7-yl]-N'-hydroxycarbamimidoyl}-1,2,5-oxadiazol-3-yl)sulfanyl]ethyl}acetamide 'C15 H16 F N5 O3 S'
#
# COMPACT_ATOMS: atom_id res chain seq x y z
N MET A 1 -18.31 -17.21 -8.58
CA MET A 1 -18.83 -15.85 -8.21
C MET A 1 -18.03 -15.19 -7.08
N ILE A 2 -17.99 -13.86 -7.09
CA ILE A 2 -17.25 -13.06 -6.09
C ILE A 2 -18.00 -13.07 -4.75
N SER A 3 -17.23 -13.08 -3.66
CA SER A 3 -17.79 -13.17 -2.30
C SER A 3 -18.49 -11.87 -1.90
N LYS A 4 -19.63 -11.99 -1.21
CA LYS A 4 -20.46 -10.84 -0.80
C LYS A 4 -19.73 -9.81 0.04
N GLU A 5 -18.73 -10.24 0.81
CA GLU A 5 -17.89 -9.35 1.62
C GLU A 5 -17.16 -8.26 0.83
N TYR A 6 -16.91 -8.51 -0.47
CA TYR A 6 -16.20 -7.55 -1.33
C TYR A 6 -17.08 -6.44 -1.95
N HIS A 7 -18.40 -6.53 -1.78
CA HIS A 7 -19.36 -5.50 -2.26
C HIS A 7 -19.24 -5.19 -3.75
N ILE A 8 -19.15 -6.24 -4.57
CA ILE A 8 -19.11 -6.11 -6.02
C ILE A 8 -20.41 -6.67 -6.60
N ASP A 9 -21.14 -5.79 -7.28
CA ASP A 9 -22.42 -6.13 -7.90
C ASP A 9 -22.19 -6.78 -9.27
N GLU A 10 -23.03 -7.76 -9.62
CA GLU A 10 -22.96 -8.39 -10.95
C GLU A 10 -23.20 -7.38 -12.08
N GLU A 11 -24.22 -6.54 -11.91
CA GLU A 11 -24.59 -5.55 -12.92
C GLU A 11 -23.65 -4.34 -12.94
N VAL A 12 -23.51 -3.66 -11.80
CA VAL A 12 -22.81 -2.36 -11.73
C VAL A 12 -21.41 -2.38 -11.12
N GLY A 13 -20.92 -3.56 -10.70
CA GLY A 13 -19.52 -3.74 -10.32
C GLY A 13 -19.15 -3.10 -9.00
N PHE A 14 -18.13 -2.25 -9.02
CA PHE A 14 -17.71 -1.48 -7.85
C PHE A 14 -18.67 -0.32 -7.49
N ALA A 15 -19.59 0.03 -8.39
CA ALA A 15 -20.62 1.02 -8.08
C ALA A 15 -21.60 0.50 -7.04
N LEU A 16 -22.12 1.42 -6.23
CA LEU A 16 -23.16 1.10 -5.27
C LEU A 16 -24.46 0.91 -6.07
N PRO A 17 -25.05 -0.31 -6.01
CA PRO A 17 -26.29 -0.51 -6.76
C PRO A 17 -27.46 0.27 -6.16
N ASN A 18 -28.36 0.74 -7.03
CA ASN A 18 -29.57 1.50 -6.65
C ASN A 18 -29.41 2.31 -5.36
N PRO A 19 -28.53 3.33 -5.38
CA PRO A 19 -28.21 4.06 -4.16
C PRO A 19 -29.36 4.92 -3.63
N GLN A 20 -29.35 5.18 -2.32
CA GLN A 20 -30.40 5.97 -1.67
C GLN A 20 -30.36 7.44 -2.11
N GLU A 21 -31.55 8.05 -2.21
CA GLU A 21 -31.71 9.45 -2.59
C GLU A 21 -32.05 10.34 -1.39
N ASN A 22 -32.90 9.83 -0.50
CA ASN A 22 -33.36 10.56 0.69
C ASN A 22 -32.81 9.96 1.97
N LEU A 23 -32.38 10.83 2.89
CA LEU A 23 -32.02 10.43 4.25
C LEU A 23 -33.28 10.48 5.11
N PRO A 24 -33.23 9.90 6.33
CA PRO A 24 -34.31 10.10 7.30
C PRO A 24 -34.58 11.58 7.61
N ASP A 25 -35.80 11.86 8.07
CA ASP A 25 -36.23 13.23 8.41
C ASP A 25 -35.30 13.93 9.42
N PHE A 26 -34.66 13.15 10.28
CA PHE A 26 -33.66 13.64 11.24
C PHE A 26 -32.61 14.55 10.60
N TYR A 27 -32.16 14.18 9.39
CA TYR A 27 -31.10 14.90 8.66
C TYR A 27 -31.58 15.84 7.55
N ASN A 28 -32.82 16.34 7.64
CA ASN A 28 -33.36 17.27 6.63
C ASN A 28 -32.55 18.56 6.47
N ASP A 29 -31.93 19.02 7.55
CA ASP A 29 -31.08 20.22 7.52
C ASP A 29 -29.84 20.03 6.63
N TRP A 30 -29.22 18.85 6.72
CA TRP A 30 -28.11 18.47 5.82
C TRP A 30 -28.59 18.41 4.37
N MET A 31 -29.75 17.81 4.16
CA MET A 31 -30.29 17.54 2.83
C MET A 31 -30.69 18.81 2.09
N PHE A 32 -31.30 19.77 2.80
CA PHE A 32 -31.70 21.05 2.18
C PHE A 32 -30.50 21.81 1.61
N ILE A 33 -29.40 21.83 2.37
CA ILE A 33 -28.18 22.51 1.93
C ILE A 33 -27.60 21.83 0.69
N ALA A 34 -27.42 20.51 0.77
CA ALA A 34 -26.79 19.72 -0.30
C ALA A 34 -27.61 19.68 -1.60
N LYS A 35 -28.94 19.70 -1.48
CA LYS A 35 -29.81 19.74 -2.66
C LYS A 35 -29.85 21.11 -3.36
N HIS A 36 -29.41 22.17 -2.68
CA HIS A 36 -29.52 23.54 -3.20
C HIS A 36 -28.16 24.28 -3.27
N LEU A 37 -27.08 23.54 -3.47
CA LEU A 37 -25.73 24.12 -3.54
C LEU A 37 -25.56 25.16 -4.65
N PRO A 38 -26.09 24.89 -5.87
CA PRO A 38 -26.02 25.90 -6.95
C PRO A 38 -26.53 27.30 -6.57
N ASP A 39 -27.72 27.37 -5.96
CA ASP A 39 -28.28 28.66 -5.50
C ASP A 39 -27.56 29.19 -4.26
N LEU A 40 -27.34 28.33 -3.28
CA LEU A 40 -26.73 28.72 -2.00
C LEU A 40 -25.30 29.26 -2.17
N ILE A 41 -24.52 28.62 -3.05
CA ILE A 41 -23.16 29.08 -3.36
C ILE A 41 -23.18 30.39 -4.15
N GLU A 42 -24.02 30.45 -5.19
CA GLU A 42 -24.18 31.64 -6.05
C GLU A 42 -24.59 32.88 -5.23
N SER A 43 -25.61 32.73 -4.39
CA SER A 43 -26.09 33.80 -3.53
C SER A 43 -25.22 34.09 -2.29
N GLY A 44 -24.19 33.28 -2.04
CA GLY A 44 -23.27 33.50 -0.93
C GLY A 44 -23.87 33.29 0.45
N GLN A 45 -24.80 32.34 0.55
CA GLN A 45 -25.45 32.02 1.83
C GLN A 45 -25.22 30.58 2.31
N LEU A 46 -24.46 29.80 1.54
CA LEU A 46 -24.12 28.43 1.92
C LEU A 46 -23.32 28.36 3.23
N ARG A 47 -22.27 29.18 3.32
CA ARG A 47 -21.38 29.15 4.48
C ARG A 47 -22.07 29.53 5.78
N GLU A 48 -22.90 30.58 5.75
CA GLU A 48 -23.73 30.97 6.90
C GLU A 48 -24.67 29.85 7.33
N ARG A 49 -25.29 29.17 6.35
CA ARG A 49 -26.27 28.12 6.64
C ARG A 49 -25.60 26.86 7.18
N VAL A 50 -24.38 26.57 6.72
CA VAL A 50 -23.53 25.52 7.30
C VAL A 50 -23.13 25.85 8.73
N GLU A 51 -22.70 27.10 8.95
CA GLU A 51 -22.29 27.59 10.28
C GLU A 51 -23.40 27.57 11.33
N LYS A 52 -24.66 27.72 10.90
CA LYS A 52 -25.82 27.71 11.79
C LYS A 52 -26.51 26.34 11.92
N LEU A 53 -25.80 25.27 11.56
CA LEU A 53 -26.28 23.89 11.77
C LEU A 53 -26.03 23.46 13.21
N ASN A 54 -26.92 22.62 13.72
CA ASN A 54 -26.69 21.88 14.96
C ASN A 54 -25.97 20.58 14.63
N MET A 55 -25.20 20.07 15.59
CA MET A 55 -24.50 18.80 15.41
C MET A 55 -25.49 17.64 15.48
N LEU A 56 -25.64 16.93 14.36
CA LEU A 56 -26.56 15.80 14.26
C LEU A 56 -25.78 14.49 14.38
N SER A 57 -26.27 13.59 15.24
CA SER A 57 -25.62 12.30 15.49
C SER A 57 -25.70 11.40 14.24
N ILE A 58 -24.69 10.56 14.04
CA ILE A 58 -24.67 9.61 12.91
C ILE A 58 -25.35 8.26 13.20
N ASP A 59 -25.92 8.11 14.40
CA ASP A 59 -26.52 6.84 14.85
C ASP A 59 -27.78 6.47 14.08
N HIS A 60 -28.51 7.47 13.59
CA HIS A 60 -29.74 7.25 12.81
C HIS A 60 -29.46 6.95 11.32
N LEU A 61 -28.19 6.86 10.93
CA LEU A 61 -27.78 6.28 9.65
C LEU A 61 -27.49 4.80 9.91
N THR A 62 -28.54 3.98 9.75
CA THR A 62 -28.54 2.60 10.24
C THR A 62 -27.90 1.55 9.30
N ASP A 63 -28.06 1.74 7.99
CA ASP A 63 -27.55 0.79 6.98
C ASP A 63 -26.47 1.42 6.09
N HIS A 64 -25.82 0.58 5.29
CA HIS A 64 -24.69 1.02 4.46
C HIS A 64 -25.06 2.08 3.43
N LYS A 65 -26.20 1.90 2.76
CA LYS A 65 -26.64 2.85 1.71
C LYS A 65 -26.94 4.23 2.26
N SER A 66 -27.62 4.30 3.41
CA SER A 66 -27.93 5.58 4.07
C SER A 66 -26.66 6.27 4.55
N GLN A 67 -25.73 5.47 5.09
CA GLN A 67 -24.40 5.97 5.49
C GLN A 67 -23.59 6.49 4.29
N ARG A 68 -23.69 5.80 3.16
CA ARG A 68 -23.02 6.24 1.93
C ARG A 68 -23.64 7.54 1.37
N LEU A 69 -24.97 7.65 1.42
CA LEU A 69 -25.65 8.90 1.02
C LEU A 69 -25.19 10.07 1.88
N ALA A 70 -25.18 9.87 3.20
CA ALA A 70 -24.71 10.88 4.16
C ALA A 70 -23.29 11.37 3.85
N ARG A 71 -22.39 10.46 3.50
CA ARG A 71 -21.02 10.82 3.05
C ARG A 71 -21.03 11.70 1.80
N LEU A 72 -21.86 11.33 0.83
CA LEU A 72 -22.04 12.13 -0.38
C LEU A 72 -22.61 13.53 -0.08
N VAL A 73 -23.58 13.58 0.83
CA VAL A 73 -24.20 14.83 1.28
C VAL A 73 -23.17 15.72 1.98
N LEU A 74 -22.55 15.18 3.02
CA LEU A 74 -21.55 15.91 3.80
C LEU A 74 -20.28 16.21 2.99
N GLY A 75 -19.94 15.32 2.06
CA GLY A 75 -18.82 15.51 1.15
C GLY A 75 -19.03 16.73 0.28
N CYS A 76 -20.16 16.77 -0.42
CA CYS A 76 -20.50 17.92 -1.28
C CYS A 76 -20.60 19.24 -0.51
N ILE A 77 -21.25 19.22 0.66
CA ILE A 77 -21.34 20.39 1.54
C ILE A 77 -19.96 20.88 1.97
N THR A 78 -19.07 19.94 2.31
CA THR A 78 -17.70 20.26 2.72
C THR A 78 -16.88 20.94 1.61
N MET A 79 -16.99 20.46 0.38
N MET A 79 -17.01 20.45 0.38
CA MET A 79 -16.27 21.06 -0.75
CA MET A 79 -16.31 21.03 -0.79
C MET A 79 -16.80 22.46 -1.09
C MET A 79 -16.80 22.46 -1.05
N ALA A 80 -18.12 22.63 -1.01
CA ALA A 80 -18.76 23.95 -1.18
C ALA A 80 -18.32 24.95 -0.12
N TYR A 81 -18.29 24.50 1.13
CA TYR A 81 -17.85 25.35 2.26
C TYR A 81 -16.38 25.77 2.15
N VAL A 82 -15.52 24.84 1.73
CA VAL A 82 -14.08 25.11 1.60
C VAL A 82 -13.81 26.06 0.42
N TRP A 83 -14.31 25.72 -0.75
CA TRP A 83 -14.01 26.47 -1.98
C TRP A 83 -14.94 27.66 -2.26
N GLY A 84 -16.09 27.71 -1.56
CA GLY A 84 -17.03 28.83 -1.70
C GLY A 84 -17.55 28.92 -3.12
N LYS A 85 -17.38 30.09 -3.75
CA LYS A 85 -17.75 30.28 -5.16
C LYS A 85 -16.70 29.77 -6.17
N GLY A 86 -15.57 29.26 -5.69
CA GLY A 86 -14.53 28.73 -6.56
C GLY A 86 -13.76 29.83 -7.27
N HIS A 87 -13.47 30.92 -6.53
CA HIS A 87 -12.73 32.08 -7.05
C HIS A 87 -11.44 32.39 -6.29
N GLY A 88 -11.06 31.52 -5.34
CA GLY A 88 -9.83 31.70 -4.57
C GLY A 88 -9.96 31.98 -3.08
N ASP A 89 -11.11 32.49 -2.63
N ASP A 89 -11.13 32.43 -2.64
CA ASP A 89 -11.33 32.67 -1.19
CA ASP A 89 -11.41 32.67 -1.21
C ASP A 89 -11.71 31.33 -0.59
C ASP A 89 -11.75 31.33 -0.56
N VAL A 90 -10.86 30.84 0.31
CA VAL A 90 -10.94 29.49 0.86
C VAL A 90 -11.23 29.54 2.37
N ARG A 91 -11.93 28.52 2.87
CA ARG A 91 -12.09 28.30 4.31
C ARG A 91 -11.06 27.27 4.79
N LYS A 92 -10.29 27.64 5.81
CA LYS A 92 -9.25 26.79 6.39
C LYS A 92 -9.74 25.91 7.55
N VAL A 93 -10.94 26.21 8.06
CA VAL A 93 -11.55 25.47 9.18
C VAL A 93 -12.93 24.97 8.74
N LEU A 94 -13.19 23.67 8.95
CA LEU A 94 -14.53 23.10 8.76
C LEU A 94 -15.23 23.14 10.12
N PRO A 95 -16.44 23.76 10.21
CA PRO A 95 -17.04 23.99 11.53
C PRO A 95 -17.41 22.69 12.28
N ARG A 96 -17.41 22.78 13.60
CA ARG A 96 -17.60 21.64 14.51
C ARG A 96 -18.80 20.76 14.17
N ASN A 97 -19.96 21.38 14.01
CA ASN A 97 -21.23 20.68 13.87
C ASN A 97 -21.41 19.88 12.58
N ILE A 98 -20.65 20.22 11.53
CA ILE A 98 -20.57 19.41 10.30
C ILE A 98 -19.33 18.49 10.32
N ALA A 99 -18.21 18.99 10.85
CA ALA A 99 -16.93 18.27 10.81
C ALA A 99 -16.90 17.01 11.66
N VAL A 100 -17.44 17.10 12.87
CA VAL A 100 -17.49 15.95 13.80
C VAL A 100 -18.28 14.77 13.21
N PRO A 101 -19.58 14.95 12.86
CA PRO A 101 -20.35 13.85 12.27
C PRO A 101 -19.82 13.33 10.92
N TYR A 102 -19.26 14.23 10.12
CA TYR A 102 -18.62 13.82 8.88
C TYR A 102 -17.38 12.96 9.15
N CYS A 103 -16.60 13.34 10.16
CA CYS A 103 -15.43 12.55 10.57
C CYS A 103 -15.76 11.24 11.29
N GLN A 104 -16.84 11.23 12.08
CA GLN A 104 -17.32 10.02 12.76
C GLN A 104 -17.82 8.98 11.75
N LEU A 105 -18.64 9.44 10.81
CA LEU A 105 -19.14 8.59 9.72
C LEU A 105 -18.00 8.08 8.83
N SER A 106 -17.06 8.98 8.51
CA SER A 106 -15.89 8.63 7.70
C SER A 106 -15.04 7.54 8.33
N LYS A 107 -14.78 7.65 9.64
CA LYS A 107 -14.09 6.59 10.39
C LYS A 107 -14.88 5.27 10.36
N LYS A 108 -16.20 5.36 10.47
CA LYS A 108 -17.08 4.18 10.48
C LYS A 108 -17.06 3.42 9.16
N LEU A 109 -17.06 4.14 8.04
CA LEU A 109 -16.97 3.54 6.70
C LEU A 109 -15.53 3.28 6.22
N GLU A 110 -14.55 3.70 7.02
CA GLU A 110 -13.12 3.60 6.70
C GLU A 110 -12.77 4.31 5.40
N LEU A 111 -13.21 5.55 5.29
CA LEU A 111 -12.84 6.44 4.20
C LEU A 111 -12.34 7.76 4.80
N PRO A 112 -11.51 8.52 4.05
CA PRO A 112 -11.07 9.84 4.56
C PRO A 112 -12.21 10.87 4.51
N PRO A 113 -12.24 11.83 5.45
CA PRO A 113 -13.29 12.86 5.43
C PRO A 113 -13.07 13.88 4.31
N ILE A 114 -13.28 13.42 3.07
CA ILE A 114 -13.22 14.24 1.87
C ILE A 114 -14.04 13.51 0.82
N LEU A 115 -14.56 14.25 -0.15
CA LEU A 115 -15.37 13.66 -1.21
C LEU A 115 -14.44 12.82 -2.09
N VAL A 116 -14.78 11.55 -2.25
CA VAL A 116 -13.99 10.63 -3.06
C VAL A 116 -14.81 10.19 -4.26
N TYR A 117 -14.14 9.55 -5.21
CA TYR A 117 -14.77 8.90 -6.37
C TYR A 117 -15.97 8.01 -5.98
N ALA A 118 -15.78 7.23 -4.91
CA ALA A 118 -16.85 6.38 -4.37
C ALA A 118 -18.10 7.14 -3.88
N ASP A 119 -17.96 8.40 -3.51
CA ASP A 119 -19.12 9.24 -3.15
C ASP A 119 -19.79 9.77 -4.40
N CYS A 120 -19.04 10.59 -5.14
CA CYS A 120 -19.61 11.46 -6.17
C CYS A 120 -19.82 10.82 -7.54
N VAL A 121 -19.33 9.58 -7.74
CA VAL A 121 -19.64 8.76 -8.91
C VAL A 121 -20.44 7.53 -8.50
N LEU A 122 -19.83 6.69 -7.66
CA LEU A 122 -20.36 5.34 -7.37
C LEU A 122 -21.64 5.34 -6.54
N ALA A 123 -21.84 6.38 -5.73
CA ALA A 123 -23.05 6.53 -4.90
C ALA A 123 -23.94 7.71 -5.31
N ASN A 124 -23.60 8.40 -6.41
CA ASN A 124 -24.24 9.67 -6.78
C ASN A 124 -25.02 9.53 -8.08
N TRP A 125 -25.92 8.54 -8.12
CA TRP A 125 -26.71 8.30 -9.32
C TRP A 125 -28.06 7.68 -9.02
N LYS A 126 -28.92 7.70 -10.03
CA LYS A 126 -30.19 6.98 -10.00
C LYS A 126 -30.70 6.72 -11.41
N LYS A 127 -31.62 5.78 -11.55
CA LYS A 127 -32.40 5.62 -12.78
C LYS A 127 -33.58 6.59 -12.76
N LYS A 128 -33.89 7.19 -13.90
CA LYS A 128 -35.11 7.99 -14.05
C LYS A 128 -36.32 7.04 -14.02
N ASP A 129 -36.29 6.06 -14.92
CA ASP A 129 -37.26 4.96 -14.97
C ASP A 129 -36.53 3.69 -14.48
N PRO A 130 -36.98 3.09 -13.35
CA PRO A 130 -36.40 1.81 -12.89
C PRO A 130 -36.56 0.61 -13.84
N ASN A 131 -37.56 0.65 -14.72
CA ASN A 131 -37.82 -0.44 -15.68
C ASN A 131 -37.01 -0.34 -16.99
N LYS A 132 -36.26 0.75 -17.17
CA LYS A 132 -35.39 0.96 -18.33
C LYS A 132 -33.90 0.75 -17.96
N PRO A 133 -33.02 0.49 -18.95
CA PRO A 133 -31.65 0.09 -18.64
C PRO A 133 -30.70 1.24 -18.24
N LEU A 134 -29.46 0.87 -17.93
CA LEU A 134 -28.44 1.83 -17.48
C LEU A 134 -27.80 2.55 -18.67
N THR A 135 -28.48 3.59 -19.14
CA THR A 135 -28.00 4.48 -20.19
C THR A 135 -28.06 5.92 -19.70
N TYR A 136 -27.23 6.78 -20.29
CA TYR A 136 -27.16 8.19 -19.91
C TYR A 136 -28.52 8.87 -19.89
N GLU A 137 -29.34 8.59 -20.91
CA GLU A 137 -30.66 9.19 -21.07
C GLU A 137 -31.67 8.74 -20.01
N ASN A 138 -31.48 7.54 -19.46
CA ASN A 138 -32.34 7.03 -18.37
C ASN A 138 -31.74 7.25 -16.97
N MET A 139 -30.73 8.12 -16.85
CA MET A 139 -30.01 8.31 -15.58
C MET A 139 -29.82 9.77 -15.23
N ASP A 140 -29.61 10.01 -13.94
CA ASP A 140 -29.30 11.33 -13.41
C ASP A 140 -28.38 11.20 -12.20
N VAL A 141 -27.65 12.27 -11.88
CA VAL A 141 -26.89 12.33 -10.63
C VAL A 141 -27.80 12.78 -9.49
N LEU A 142 -27.34 12.60 -8.25
CA LEU A 142 -28.11 13.04 -7.07
C LEU A 142 -27.75 14.45 -6.65
N PHE A 143 -26.48 14.84 -6.83
CA PHE A 143 -25.98 16.15 -6.36
C PHE A 143 -25.00 16.78 -7.34
N SER A 144 -25.14 18.10 -7.50
CA SER A 144 -24.27 18.93 -8.32
C SER A 144 -23.77 20.12 -7.50
N PHE A 145 -22.79 20.85 -8.03
CA PHE A 145 -22.23 22.01 -7.31
C PHE A 145 -22.78 23.35 -7.80
N ARG A 146 -22.58 23.64 -9.09
CA ARG A 146 -22.99 24.91 -9.72
C ARG A 146 -23.77 24.66 -11.01
N ASP A 147 -24.64 25.60 -11.38
CA ASP A 147 -25.34 25.52 -12.67
C ASP A 147 -24.32 25.63 -13.81
N GLY A 148 -24.47 24.76 -14.82
CA GLY A 148 -23.53 24.69 -15.93
C GLY A 148 -22.17 24.08 -15.61
N ASP A 149 -22.04 23.39 -14.46
CA ASP A 149 -20.77 22.76 -14.06
C ASP A 149 -20.49 21.39 -14.74
N CYS A 150 -21.42 20.90 -15.56
CA CYS A 150 -21.29 19.62 -16.30
C CYS A 150 -21.08 18.38 -15.43
N SER A 151 -21.54 18.43 -14.18
CA SER A 151 -21.34 17.35 -13.20
C SER A 151 -22.14 16.08 -13.55
N LYS A 152 -23.30 16.25 -14.19
CA LYS A 152 -24.08 15.09 -14.66
C LYS A 152 -23.30 14.30 -15.70
N GLY A 153 -22.87 14.97 -16.76
CA GLY A 153 -22.02 14.34 -17.78
C GLY A 153 -20.76 13.74 -17.21
N PHE A 154 -20.08 14.52 -16.37
CA PHE A 154 -18.81 14.15 -15.77
C PHE A 154 -18.92 12.92 -14.86
N PHE A 155 -19.86 12.93 -13.94
CA PHE A 155 -20.03 11.82 -13.01
C PHE A 155 -20.65 10.58 -13.66
N LEU A 156 -21.64 10.77 -14.53
CA LEU A 156 -22.35 9.62 -15.15
C LEU A 156 -21.55 8.89 -16.24
N VAL A 157 -20.74 9.61 -17.00
CA VAL A 157 -19.86 8.97 -17.99
C VAL A 157 -18.77 8.15 -17.30
N SER A 158 -18.27 8.65 -16.17
CA SER A 158 -17.33 7.90 -15.34
C SER A 158 -18.01 6.63 -14.84
N LEU A 159 -19.23 6.80 -14.33
CA LEU A 159 -20.06 5.68 -13.86
C LEU A 159 -20.31 4.66 -14.95
N LEU A 160 -20.63 5.13 -16.16
CA LEU A 160 -20.94 4.23 -17.26
C LEU A 160 -19.72 3.43 -17.76
N VAL A 161 -18.53 4.07 -17.74
CA VAL A 161 -17.25 3.36 -17.94
C VAL A 161 -17.02 2.32 -16.82
N GLU A 162 -17.32 2.73 -15.59
CA GLU A 162 -17.25 1.86 -14.42
C GLU A 162 -18.18 0.64 -14.56
N ILE A 163 -19.42 0.89 -15.01
CA ILE A 163 -20.40 -0.18 -15.24
C ILE A 163 -19.99 -1.11 -16.38
N ALA A 164 -19.51 -0.54 -17.49
CA ALA A 164 -19.00 -1.35 -18.61
C ALA A 164 -17.91 -2.34 -18.14
N ALA A 165 -17.04 -1.90 -17.27
CA ALA A 165 -15.98 -2.74 -16.67
C ALA A 165 -16.48 -3.86 -15.73
N ALA A 166 -17.68 -3.70 -15.16
CA ALA A 166 -18.28 -4.71 -14.27
C ALA A 166 -18.49 -6.07 -14.93
N SER A 167 -18.77 -6.04 -16.24
CA SER A 167 -18.95 -7.26 -17.03
C SER A 167 -17.72 -8.14 -17.10
N ALA A 168 -16.54 -7.52 -17.16
CA ALA A 168 -15.27 -8.24 -17.05
C ALA A 168 -14.99 -8.75 -15.63
N ILE A 169 -15.36 -7.96 -14.62
CA ILE A 169 -15.08 -8.27 -13.21
C ILE A 169 -15.72 -9.59 -12.75
N LYS A 170 -16.95 -9.86 -13.19
CA LYS A 170 -17.63 -11.13 -12.86
C LYS A 170 -17.02 -12.39 -13.49
N VAL A 171 -16.10 -12.21 -14.44
CA VAL A 171 -15.36 -13.31 -15.06
C VAL A 171 -14.14 -13.74 -14.23
N ILE A 172 -13.67 -12.87 -13.33
CA ILE A 172 -12.42 -13.09 -12.59
C ILE A 172 -12.36 -14.41 -11.79
N PRO A 173 -13.46 -14.81 -11.12
CA PRO A 173 -13.49 -16.16 -10.53
C PRO A 173 -13.34 -17.33 -11.54
N THR A 174 -13.90 -17.16 -12.74
CA THR A 174 -13.70 -18.13 -13.86
C THR A 174 -12.23 -18.25 -14.25
N VAL A 175 -11.51 -17.12 -14.26
CA VAL A 175 -10.08 -17.11 -14.61
C VAL A 175 -9.29 -18.00 -13.66
N PHE A 176 -9.45 -17.75 -12.36
CA PHE A 176 -8.71 -18.47 -11.32
C PHE A 176 -9.12 -19.94 -11.19
N LYS A 177 -10.42 -20.21 -11.23
CA LYS A 177 -10.91 -21.59 -11.18
C LYS A 177 -10.42 -22.42 -12.38
N ALA A 178 -10.37 -21.79 -13.56
CA ALA A 178 -9.81 -22.41 -14.76
C ALA A 178 -8.31 -22.70 -14.62
N MET A 179 -7.57 -21.82 -13.96
CA MET A 179 -6.13 -22.01 -13.74
C MET A 179 -5.84 -23.20 -12.82
N GLN A 180 -6.54 -23.26 -11.69
CA GLN A 180 -6.30 -24.34 -10.71
C GLN A 180 -6.79 -25.70 -11.20
N MET A 181 -7.89 -25.71 -11.96
CA MET A 181 -8.42 -26.92 -12.59
C MET A 181 -7.78 -27.25 -13.94
N GLN A 182 -6.80 -26.44 -14.38
CA GLN A 182 -6.14 -26.61 -15.68
C GLN A 182 -7.16 -26.72 -16.82
N GLU A 183 -8.04 -25.73 -16.91
CA GLU A 183 -9.04 -25.66 -17.97
C GLU A 183 -8.63 -24.59 -18.98
N ARG A 184 -7.84 -25.01 -19.97
CA ARG A 184 -7.26 -24.09 -20.96
C ARG A 184 -8.34 -23.35 -21.75
N ASP A 185 -9.32 -24.10 -22.26
CA ASP A 185 -10.38 -23.55 -23.09
C ASP A 185 -11.23 -22.54 -22.31
N THR A 186 -11.61 -22.92 -21.09
CA THR A 186 -12.32 -22.04 -20.15
C THR A 186 -11.54 -20.74 -19.89
N LEU A 187 -10.23 -20.86 -19.63
CA LEU A 187 -9.37 -19.70 -19.35
C LEU A 187 -9.26 -18.75 -20.55
N LEU A 188 -9.13 -19.29 -21.74
CA LEU A 188 -9.03 -18.50 -22.98
C LEU A 188 -10.32 -17.71 -23.23
N LYS A 189 -11.45 -18.40 -23.14
CA LYS A 189 -12.80 -17.80 -23.23
C LYS A 189 -12.99 -16.66 -22.24
N ALA A 190 -12.54 -16.87 -21.01
CA ALA A 190 -12.61 -15.88 -19.92
C ALA A 190 -11.76 -14.65 -20.22
N LEU A 191 -10.55 -14.85 -20.70
CA LEU A 191 -9.69 -13.74 -21.11
C LEU A 191 -10.26 -12.97 -22.31
N LEU A 192 -10.79 -13.68 -23.31
CA LEU A 192 -11.41 -13.02 -24.48
C LEU A 192 -12.65 -12.20 -24.11
N GLU A 193 -13.39 -12.66 -23.08
CA GLU A 193 -14.52 -11.92 -22.54
C GLU A 193 -14.08 -10.64 -21.82
N ILE A 194 -13.04 -10.73 -20.98
CA ILE A 194 -12.50 -9.56 -20.28
C ILE A 194 -12.03 -8.50 -21.28
N ALA A 195 -11.30 -8.92 -22.31
CA ALA A 195 -10.80 -8.03 -23.35
C ALA A 195 -11.95 -7.34 -24.08
N SER A 196 -12.96 -8.13 -24.45
CA SER A 196 -14.18 -7.62 -25.08
C SER A 196 -14.83 -6.52 -24.25
N CYS A 197 -15.00 -6.79 -22.97
CA CYS A 197 -15.61 -5.85 -22.02
C CYS A 197 -14.79 -4.58 -21.77
N LEU A 198 -13.47 -4.71 -21.73
CA LEU A 198 -12.59 -3.54 -21.58
C LEU A 198 -12.53 -2.71 -22.87
N GLU A 199 -12.67 -3.36 -24.02
CA GLU A 199 -12.83 -2.67 -25.31
C GLU A 199 -14.17 -1.91 -25.38
N LYS A 200 -15.25 -2.53 -24.89
CA LYS A 200 -16.56 -1.87 -24.77
C LYS A 200 -16.48 -0.63 -23.88
N ALA A 201 -15.78 -0.76 -22.75
CA ALA A 201 -15.56 0.34 -21.80
C ALA A 201 -14.92 1.60 -22.42
N LEU A 202 -14.03 1.40 -23.40
CA LEU A 202 -13.41 2.52 -24.14
C LEU A 202 -14.42 3.28 -25.01
N GLN A 203 -15.37 2.58 -25.61
CA GLN A 203 -16.41 3.19 -26.45
C GLN A 203 -17.38 4.02 -25.62
N VAL A 204 -17.66 3.54 -24.41
CA VAL A 204 -18.45 4.28 -23.41
C VAL A 204 -17.73 5.59 -23.02
N PHE A 205 -16.40 5.53 -22.90
CA PHE A 205 -15.54 6.70 -22.62
C PHE A 205 -15.77 7.84 -23.62
N HIS A 206 -16.00 7.50 -24.90
CA HIS A 206 -16.23 8.49 -25.97
C HIS A 206 -17.34 9.51 -25.66
N GLN A 207 -18.35 9.10 -24.88
CA GLN A 207 -19.47 9.97 -24.50
C GLN A 207 -19.11 11.25 -23.73
N ILE A 208 -17.96 11.26 -23.06
CA ILE A 208 -17.47 12.42 -22.29
C ILE A 208 -17.55 13.74 -23.08
N HIS A 209 -17.20 13.69 -24.36
CA HIS A 209 -17.18 14.83 -25.28
C HIS A 209 -18.56 15.43 -25.52
N ASP A 210 -19.58 14.57 -25.52
CA ASP A 210 -20.97 14.97 -25.74
C ASP A 210 -21.56 15.72 -24.56
N HIS A 211 -21.20 15.30 -23.35
CA HIS A 211 -21.88 15.76 -22.11
C HIS A 211 -21.05 16.64 -21.18
N VAL A 212 -19.75 16.80 -21.45
CA VAL A 212 -18.86 17.62 -20.59
C VAL A 212 -18.08 18.63 -21.43
N ASN A 213 -18.24 19.91 -21.07
CA ASN A 213 -17.55 21.03 -21.73
C ASN A 213 -16.18 21.27 -21.04
N PRO A 214 -15.07 21.36 -21.81
CA PRO A 214 -13.73 21.59 -21.24
C PRO A 214 -13.58 22.77 -20.28
N LYS A 215 -14.12 23.93 -20.68
CA LYS A 215 -14.07 25.14 -19.86
C LYS A 215 -14.83 24.98 -18.54
N ALA A 216 -16.02 24.38 -18.62
CA ALA A 216 -16.86 24.11 -17.45
C ALA A 216 -16.19 23.16 -16.44
N PHE A 217 -15.54 22.12 -16.94
CA PHE A 217 -14.78 21.22 -16.06
C PHE A 217 -13.57 21.94 -15.43
N PHE A 218 -12.71 22.51 -16.27
CA PHE A 218 -11.46 23.09 -15.79
C PHE A 218 -11.70 24.30 -14.88
N SER A 219 -12.59 25.20 -15.27
CA SER A 219 -12.78 26.46 -14.54
C SER A 219 -13.69 26.34 -13.31
N VAL A 220 -14.62 25.39 -13.31
CA VAL A 220 -15.59 25.24 -12.22
C VAL A 220 -15.47 23.90 -11.50
N LEU A 221 -15.78 22.80 -12.20
CA LEU A 221 -15.95 21.49 -11.55
C LEU A 221 -14.66 20.94 -10.92
N ARG A 222 -13.53 21.18 -11.58
CA ARG A 222 -12.20 20.81 -11.06
C ARG A 222 -11.86 21.53 -9.75
N ILE A 223 -12.38 22.75 -9.59
CA ILE A 223 -12.14 23.54 -8.38
C ILE A 223 -12.80 22.89 -7.17
N TYR A 224 -14.02 22.41 -7.35
CA TYR A 224 -14.82 21.82 -6.26
C TYR A 224 -14.40 20.41 -5.88
N LEU A 225 -13.83 19.67 -6.83
CA LEU A 225 -13.29 18.35 -6.56
C LEU A 225 -11.85 18.38 -6.02
N SER A 226 -11.23 19.56 -5.97
CA SER A 226 -9.86 19.72 -5.45
C SER A 226 -9.80 19.37 -3.97
N GLY A 227 -8.67 18.77 -3.57
CA GLY A 227 -8.42 18.44 -2.17
C GLY A 227 -7.49 19.43 -1.52
N TRP A 228 -6.89 19.00 -0.41
CA TRP A 228 -5.95 19.82 0.36
C TRP A 228 -4.75 18.98 0.83
N LYS A 229 -4.22 18.16 -0.09
CA LYS A 229 -2.89 17.55 0.06
C LYS A 229 -1.96 18.23 -0.95
N GLY A 230 -0.87 18.83 -0.46
CA GLY A 230 0.07 19.57 -1.31
C GLY A 230 -0.56 20.68 -2.13
N ASN A 231 -1.54 21.38 -1.53
CA ASN A 231 -2.25 22.48 -2.18
C ASN A 231 -1.81 23.79 -1.52
N PRO A 232 -1.18 24.71 -2.29
CA PRO A 232 -0.81 26.03 -1.71
C PRO A 232 -1.96 26.86 -1.13
N GLN A 233 -3.19 26.62 -1.60
CA GLN A 233 -4.38 27.27 -1.05
C GLN A 233 -4.67 26.87 0.41
N LEU A 234 -4.45 25.60 0.74
CA LEU A 234 -4.48 25.11 2.13
C LEU A 234 -3.18 24.37 2.42
N SER A 235 -2.12 25.15 2.61
CA SER A 235 -0.75 24.67 2.85
C SER A 235 -0.65 23.48 3.79
N ASP A 236 -1.27 23.60 4.96
CA ASP A 236 -1.17 22.60 6.05
C ASP A 236 -2.35 21.62 6.10
N GLY A 237 -3.26 21.71 5.13
CA GLY A 237 -4.50 20.93 5.15
C GLY A 237 -5.65 21.69 5.79
N LEU A 238 -6.70 20.96 6.14
CA LEU A 238 -7.95 21.53 6.65
C LEU A 238 -8.15 21.18 8.12
N VAL A 239 -8.57 22.16 8.92
CA VAL A 239 -8.91 21.92 10.33
C VAL A 239 -10.34 21.35 10.39
N TYR A 240 -10.44 20.08 10.77
CA TYR A 240 -11.71 19.45 11.11
C TYR A 240 -11.97 19.75 12.59
N GLU A 241 -12.75 20.80 12.83
CA GLU A 241 -12.92 21.40 14.16
C GLU A 241 -13.59 20.42 15.12
N GLY A 242 -13.00 20.24 16.31
CA GLY A 242 -13.54 19.35 17.33
C GLY A 242 -13.25 17.86 17.17
N PHE A 243 -12.66 17.43 16.06
CA PHE A 243 -12.31 16.02 15.83
C PHE A 243 -10.80 15.82 15.92
N TRP A 244 -10.05 16.66 15.21
CA TRP A 244 -8.60 16.79 15.38
C TRP A 244 -8.22 18.25 15.63
N GLU A 245 -7.20 18.46 16.46
CA GLU A 245 -6.70 19.79 16.78
C GLU A 245 -5.89 20.40 15.63
N ASP A 246 -5.09 19.58 14.94
CA ASP A 246 -4.23 20.03 13.85
C ASP A 246 -4.89 19.79 12.48
N PRO A 247 -4.54 20.60 11.46
CA PRO A 247 -5.13 20.44 10.13
C PRO A 247 -4.58 19.22 9.38
N LYS A 248 -5.48 18.41 8.81
CA LYS A 248 -5.12 17.18 8.10
C LYS A 248 -5.18 17.36 6.59
N GLU A 249 -4.24 16.72 5.89
CA GLU A 249 -4.17 16.74 4.42
C GLU A 249 -4.87 15.53 3.81
N PHE A 250 -5.70 15.77 2.78
CA PHE A 250 -6.36 14.70 2.02
C PHE A 250 -6.45 15.06 0.54
N ALA A 251 -6.19 14.08 -0.32
CA ALA A 251 -6.22 14.26 -1.78
C ALA A 251 -7.64 14.42 -2.31
N GLY A 252 -7.76 15.23 -3.37
CA GLY A 252 -9.04 15.47 -4.04
C GLY A 252 -9.53 14.30 -4.88
N GLY A 253 -10.79 14.37 -5.29
CA GLY A 253 -11.44 13.30 -6.06
C GLY A 253 -10.79 13.01 -7.40
N SER A 254 -10.73 11.73 -7.76
CA SER A 254 -10.05 11.29 -8.97
C SER A 254 -10.54 9.91 -9.36
N ALA A 255 -10.60 9.63 -10.66
CA ALA A 255 -10.86 8.28 -11.15
C ALA A 255 -9.64 7.38 -11.00
N GLY A 256 -8.49 7.93 -10.61
CA GLY A 256 -7.40 7.14 -10.02
C GLY A 256 -7.78 6.45 -8.71
N GLN A 257 -8.85 6.93 -8.06
CA GLN A 257 -9.45 6.24 -6.92
C GLN A 257 -10.41 5.10 -7.34
N SER A 258 -10.64 4.92 -8.65
CA SER A 258 -11.40 3.75 -9.15
C SER A 258 -10.64 2.46 -8.88
N SER A 259 -11.38 1.41 -8.55
CA SER A 259 -10.81 0.09 -8.37
C SER A 259 -10.73 -0.71 -9.69
N VAL A 260 -11.27 -0.16 -10.78
CA VAL A 260 -11.38 -0.88 -12.06
C VAL A 260 -10.03 -1.17 -12.69
N PHE A 261 -9.27 -0.12 -12.98
CA PHE A 261 -7.98 -0.27 -13.66
C PHE A 261 -6.98 -1.01 -12.79
N GLN A 262 -7.02 -0.74 -11.48
CA GLN A 262 -6.16 -1.41 -10.51
C GLN A 262 -6.45 -2.91 -10.44
N CYS A 263 -7.72 -3.25 -10.47
CA CYS A 263 -8.19 -4.64 -10.49
C CYS A 263 -7.58 -5.45 -11.64
N PHE A 264 -7.61 -4.90 -12.85
CA PHE A 264 -7.05 -5.58 -14.04
C PHE A 264 -5.53 -5.46 -14.16
N ASP A 265 -4.95 -4.41 -13.62
CA ASP A 265 -3.50 -4.38 -13.41
C ASP A 265 -3.04 -5.58 -12.59
N VAL A 266 -3.71 -5.81 -11.47
CA VAL A 266 -3.38 -6.90 -10.55
C VAL A 266 -3.65 -8.26 -11.18
N LEU A 267 -4.85 -8.43 -11.72
CA LEU A 267 -5.25 -9.65 -12.43
C LEU A 267 -4.23 -10.05 -13.50
N LEU A 268 -3.79 -9.09 -14.30
CA LEU A 268 -2.90 -9.36 -15.42
C LEU A 268 -1.41 -9.35 -15.08
N GLY A 269 -1.05 -9.06 -13.83
CA GLY A 269 0.35 -9.04 -13.39
C GLY A 269 1.14 -7.85 -13.90
N ILE A 270 0.43 -6.74 -14.11
CA ILE A 270 1.01 -5.46 -14.51
C ILE A 270 1.41 -4.81 -13.19
N GLN A 271 2.71 -4.86 -12.90
N GLN A 271 2.70 -4.86 -12.89
CA GLN A 271 3.23 -4.41 -11.60
CA GLN A 271 3.20 -4.42 -11.58
C GLN A 271 3.32 -2.89 -11.55
C GLN A 271 3.32 -2.90 -11.53
N GLN A 272 2.16 -2.25 -11.38
CA GLN A 272 2.08 -0.77 -11.34
C GLN A 272 2.52 -0.25 -9.99
N THR A 273 1.97 -0.85 -8.93
CA THR A 273 2.34 -0.51 -7.55
C THR A 273 3.75 -0.96 -7.14
N ALA A 274 4.44 -1.69 -8.01
CA ALA A 274 5.88 -2.00 -7.82
C ALA A 274 6.79 -0.91 -8.38
N GLY A 275 8.05 -0.95 -7.95
CA GLY A 275 9.11 -0.06 -8.48
C GLY A 275 9.51 1.08 -7.57
N GLY A 276 8.55 1.60 -6.79
CA GLY A 276 8.81 2.70 -5.85
C GLY A 276 8.95 4.07 -6.49
N GLY A 277 8.31 4.28 -7.63
CA GLY A 277 8.26 5.59 -8.29
C GLY A 277 7.05 6.38 -7.83
N HIS A 278 6.83 7.55 -8.44
CA HIS A 278 5.66 8.39 -8.12
C HIS A 278 4.35 7.72 -8.55
N ALA A 279 4.39 7.01 -9.68
CA ALA A 279 3.25 6.23 -10.19
C ALA A 279 2.81 5.17 -9.19
N ALA A 280 3.75 4.30 -8.83
CA ALA A 280 3.53 3.24 -7.84
C ALA A 280 3.01 3.77 -6.51
N GLN A 281 3.68 4.80 -6.00
CA GLN A 281 3.32 5.47 -4.76
C GLN A 281 1.89 6.02 -4.78
N PHE A 282 1.55 6.74 -5.85
CA PHE A 282 0.23 7.35 -6.02
C PHE A 282 -0.88 6.30 -6.06
N LEU A 283 -0.67 5.26 -6.87
CA LEU A 283 -1.66 4.22 -7.09
C LEU A 283 -1.92 3.38 -5.82
N GLN A 284 -0.88 3.16 -5.03
CA GLN A 284 -1.03 2.49 -3.74
C GLN A 284 -1.73 3.39 -2.73
N ASP A 285 -1.32 4.66 -2.66
CA ASP A 285 -1.97 5.66 -1.79
C ASP A 285 -3.46 5.84 -2.10
N MET A 286 -3.82 5.72 -3.39
CA MET A 286 -5.23 5.86 -3.82
C MET A 286 -6.14 4.75 -3.31
N ARG A 287 -5.57 3.60 -2.96
CA ARG A 287 -6.33 2.50 -2.36
C ARG A 287 -6.97 2.88 -1.01
N ARG A 288 -6.32 3.78 -0.27
CA ARG A 288 -6.89 4.35 0.97
C ARG A 288 -8.16 5.19 0.73
N TYR A 289 -8.35 5.69 -0.49
CA TYR A 289 -9.55 6.44 -0.88
C TYR A 289 -10.66 5.56 -1.45
N MET A 290 -10.40 4.26 -1.58
CA MET A 290 -11.41 3.28 -2.03
C MET A 290 -12.17 2.76 -0.81
N PRO A 291 -13.42 2.26 -1.01
CA PRO A 291 -14.10 1.58 0.10
C PRO A 291 -13.31 0.35 0.59
N PRO A 292 -13.33 0.06 1.91
CA PRO A 292 -12.49 -1.03 2.45
C PRO A 292 -12.71 -2.38 1.76
N ALA A 293 -13.97 -2.69 1.48
CA ALA A 293 -14.35 -3.93 0.79
C ALA A 293 -13.69 -4.07 -0.59
N HIS A 294 -13.48 -2.95 -1.27
CA HIS A 294 -12.87 -2.93 -2.61
C HIS A 294 -11.35 -3.04 -2.60
N ARG A 295 -10.70 -2.41 -1.63
CA ARG A 295 -9.25 -2.60 -1.46
C ARG A 295 -8.91 -4.00 -0.91
N ASN A 296 -9.82 -4.58 -0.13
CA ASN A 296 -9.73 -5.98 0.29
C ASN A 296 -9.81 -6.94 -0.89
N PHE A 297 -10.68 -6.62 -1.86
CA PHE A 297 -10.78 -7.38 -3.10
C PHE A 297 -9.47 -7.32 -3.90
N LEU A 298 -8.92 -6.12 -4.04
CA LEU A 298 -7.63 -5.92 -4.74
C LEU A 298 -6.49 -6.66 -4.03
N CYS A 299 -6.49 -6.61 -2.70
CA CYS A 299 -5.56 -7.40 -1.89
C CYS A 299 -5.70 -8.91 -2.13
N SER A 300 -6.93 -9.38 -2.28
CA SER A 300 -7.20 -10.81 -2.55
C SER A 300 -6.75 -11.26 -3.94
N LEU A 301 -6.83 -10.37 -4.94
CA LEU A 301 -6.34 -10.69 -6.29
C LEU A 301 -4.81 -10.78 -6.35
N GLU A 302 -4.15 -9.90 -5.60
CA GLU A 302 -2.69 -9.97 -5.42
C GLU A 302 -2.27 -11.26 -4.74
N SER A 303 -3.07 -11.74 -3.79
CA SER A 303 -2.77 -12.97 -3.03
C SER A 303 -2.92 -14.23 -3.89
N ASN A 304 -3.74 -14.16 -4.94
CA ASN A 304 -3.93 -15.28 -5.89
C ASN A 304 -2.72 -15.50 -6.79
N PRO A 305 -2.56 -16.73 -7.34
CA PRO A 305 -1.47 -16.99 -8.29
C PRO A 305 -1.56 -16.16 -9.58
N SER A 306 -0.41 -16.00 -10.22
CA SER A 306 -0.24 -15.09 -11.34
C SER A 306 -0.85 -15.63 -12.65
N VAL A 307 -1.77 -14.87 -13.23
CA VAL A 307 -2.35 -15.19 -14.54
C VAL A 307 -1.28 -15.07 -15.62
N ARG A 308 -0.47 -14.01 -15.55
CA ARG A 308 0.67 -13.78 -16.47
C ARG A 308 1.64 -14.95 -16.51
N GLU A 309 2.08 -15.41 -15.34
N GLU A 309 2.07 -15.39 -15.32
CA GLU A 309 3.03 -16.52 -15.24
CA GLU A 309 2.98 -16.52 -15.13
C GLU A 309 2.43 -17.86 -15.69
C GLU A 309 2.41 -17.82 -15.71
N PHE A 310 1.12 -18.04 -15.47
CA PHE A 310 0.39 -19.22 -16.00
C PHE A 310 0.37 -19.25 -17.54
N VAL A 311 0.06 -18.11 -18.16
CA VAL A 311 -0.01 -18.00 -19.62
C VAL A 311 1.37 -18.15 -20.28
N LEU A 312 2.40 -17.58 -19.64
CA LEU A 312 3.78 -17.73 -20.13
C LEU A 312 4.29 -19.17 -20.11
N SER A 313 3.86 -19.96 -19.13
CA SER A 313 4.39 -21.31 -18.94
C SER A 313 3.81 -22.38 -19.88
N LYS A 314 2.82 -22.04 -20.70
CA LYS A 314 2.05 -23.04 -21.46
C LYS A 314 2.42 -23.22 -22.93
N GLY A 315 3.22 -22.31 -23.50
CA GLY A 315 3.63 -22.39 -24.92
C GLY A 315 2.45 -22.41 -25.87
N ASP A 316 1.46 -21.58 -25.55
CA ASP A 316 0.13 -21.63 -26.12
C ASP A 316 -0.20 -20.23 -26.68
N ALA A 317 -0.11 -20.10 -28.01
CA ALA A 317 -0.28 -18.80 -28.69
C ALA A 317 -1.65 -18.18 -28.48
N GLY A 318 -2.68 -19.02 -28.52
CA GLY A 318 -4.07 -18.59 -28.34
C GLY A 318 -4.32 -17.91 -27.00
N LEU A 319 -3.83 -18.55 -25.93
CA LEU A 319 -3.87 -17.97 -24.57
C LEU A 319 -3.04 -16.69 -24.47
N ARG A 320 -1.84 -16.69 -25.07
CA ARG A 320 -1.00 -15.48 -25.11
C ARG A 320 -1.73 -14.31 -25.79
N GLU A 321 -2.41 -14.60 -26.90
CA GLU A 321 -3.12 -13.59 -27.67
C GLU A 321 -4.38 -13.05 -26.95
N ALA A 322 -5.08 -13.95 -26.27
CA ALA A 322 -6.22 -13.57 -25.42
C ALA A 322 -5.77 -12.71 -24.24
N TYR A 323 -4.63 -13.08 -23.65
CA TYR A 323 -4.01 -12.29 -22.58
C TYR A 323 -3.54 -10.90 -23.05
N ASP A 324 -2.88 -10.86 -24.22
CA ASP A 324 -2.42 -9.60 -24.81
C ASP A 324 -3.57 -8.67 -25.21
N ALA A 325 -4.72 -9.24 -25.57
CA ALA A 325 -5.92 -8.48 -25.88
C ALA A 325 -6.43 -7.69 -24.67
N CYS A 326 -6.32 -8.29 -23.48
CA CYS A 326 -6.71 -7.63 -22.23
C CYS A 326 -5.76 -6.48 -21.89
N VAL A 327 -4.47 -6.77 -21.99
CA VAL A 327 -3.41 -5.79 -21.75
C VAL A 327 -3.52 -4.65 -22.76
N LYS A 328 -3.69 -4.99 -24.04
CA LYS A 328 -3.82 -3.98 -25.09
C LYS A 328 -5.07 -3.11 -24.91
N ALA A 329 -6.16 -3.72 -24.40
CA ALA A 329 -7.39 -2.96 -24.07
C ALA A 329 -7.14 -1.90 -22.98
N LEU A 330 -6.37 -2.27 -21.96
CA LEU A 330 -5.97 -1.34 -20.90
C LEU A 330 -5.05 -0.23 -21.43
N VAL A 331 -4.08 -0.60 -22.26
CA VAL A 331 -3.21 0.38 -22.95
C VAL A 331 -4.05 1.38 -23.78
N SER A 332 -5.06 0.87 -24.49
CA SER A 332 -5.93 1.71 -25.30
C SER A 332 -6.75 2.69 -24.46
N LEU A 333 -7.31 2.22 -23.35
CA LEU A 333 -8.03 3.08 -22.40
C LEU A 333 -7.13 4.20 -21.90
N ARG A 334 -5.91 3.85 -21.50
CA ARG A 334 -4.93 4.82 -21.03
C ARG A 334 -4.42 5.78 -22.12
N SER A 335 -4.29 5.29 -23.34
CA SER A 335 -3.94 6.12 -24.50
C SER A 335 -5.05 7.13 -24.78
N TYR A 336 -6.30 6.68 -24.72
CA TYR A 336 -7.44 7.56 -24.93
C TYR A 336 -7.59 8.57 -23.79
N HIS A 337 -7.39 8.09 -22.56
CA HIS A 337 -7.40 8.95 -21.37
C HIS A 337 -6.45 10.14 -21.47
N LEU A 338 -5.26 9.94 -22.02
CA LEU A 338 -4.30 11.02 -22.27
C LEU A 338 -4.88 12.13 -23.16
N GLN A 339 -5.61 11.73 -24.21
CA GLN A 339 -6.26 12.68 -25.13
C GLN A 339 -7.29 13.55 -24.42
N ILE A 340 -8.01 12.92 -23.48
CA ILE A 340 -8.95 13.61 -22.61
C ILE A 340 -8.25 14.59 -21.67
N VAL A 341 -7.13 14.18 -21.08
CA VAL A 341 -6.32 15.08 -20.25
C VAL A 341 -5.85 16.28 -21.08
N THR A 342 -5.44 16.03 -22.32
CA THR A 342 -5.02 17.11 -23.22
C THR A 342 -6.16 18.14 -23.46
N LYS A 343 -7.35 17.63 -23.80
CA LYS A 343 -8.52 18.46 -24.07
C LYS A 343 -9.01 19.17 -22.81
N TYR A 344 -9.12 18.42 -21.71
CA TYR A 344 -9.81 18.88 -20.50
C TYR A 344 -8.94 19.58 -19.45
N ILE A 345 -7.62 19.41 -19.50
CA ILE A 345 -6.70 20.12 -18.58
C ILE A 345 -5.67 21.00 -19.31
N LEU A 346 -4.93 20.40 -20.23
CA LEU A 346 -3.77 21.08 -20.85
C LEU A 346 -4.14 22.30 -21.68
N ILE A 347 -5.18 22.19 -22.49
CA ILE A 347 -5.62 23.30 -23.35
C ILE A 347 -6.30 24.44 -22.55
N PRO A 348 -7.27 24.13 -21.66
CA PRO A 348 -7.82 25.17 -20.78
C PRO A 348 -6.77 25.88 -19.91
N ALA A 349 -5.80 25.13 -19.39
CA ALA A 349 -4.68 25.72 -18.63
C ALA A 349 -3.83 26.70 -19.46
N SER A 350 -3.58 26.36 -20.72
CA SER A 350 -2.84 27.25 -21.65
C SER A 350 -3.62 28.52 -22.02
N GLN A 351 -4.94 28.39 -22.13
CA GLN A 351 -5.85 29.51 -22.37
C GLN A 351 -6.06 30.40 -21.13
N GLN A 352 -5.63 29.93 -19.96
CA GLN A 352 -5.83 30.65 -18.70
C GLN A 352 -4.78 31.72 -18.53
N THR A 370 6.42 23.43 -16.14
CA THR A 370 6.78 22.01 -16.20
C THR A 370 5.70 21.02 -15.73
N GLY A 371 4.76 21.50 -14.89
CA GLY A 371 3.69 20.67 -14.33
C GLY A 371 2.84 19.91 -15.32
N GLY A 372 2.52 20.55 -16.45
CA GLY A 372 1.78 19.91 -17.55
C GLY A 372 2.55 18.78 -18.21
N THR A 373 3.83 19.00 -18.49
CA THR A 373 4.75 17.97 -18.98
C THR A 373 4.90 16.81 -17.96
N ASP A 374 5.13 17.18 -16.70
CA ASP A 374 5.28 16.22 -15.59
C ASP A 374 4.04 15.35 -15.38
N LEU A 375 2.87 15.95 -15.54
CA LEU A 375 1.60 15.23 -15.47
C LEU A 375 1.45 14.16 -16.55
N MET A 376 1.69 14.56 -17.80
CA MET A 376 1.57 13.65 -18.94
C MET A 376 2.59 12.52 -18.90
N ASN A 377 3.80 12.82 -18.42
CA ASN A 377 4.84 11.80 -18.24
C ASN A 377 4.51 10.74 -17.16
N PHE A 378 3.83 11.19 -16.10
CA PHE A 378 3.30 10.30 -15.04
C PHE A 378 2.31 9.30 -15.62
N LEU A 379 1.33 9.81 -16.38
CA LEU A 379 0.31 8.97 -17.01
C LEU A 379 0.89 8.05 -18.08
N LYS A 380 1.87 8.58 -18.82
CA LYS A 380 2.61 7.82 -19.83
C LYS A 380 3.46 6.71 -19.21
N THR A 381 3.97 6.93 -17.99
CA THR A 381 4.70 5.89 -17.25
C THR A 381 3.79 4.71 -16.90
N VAL A 382 2.60 5.00 -16.40
CA VAL A 382 1.60 3.97 -16.09
C VAL A 382 1.22 3.19 -17.36
N ARG A 383 0.95 3.92 -18.45
CA ARG A 383 0.64 3.29 -19.75
C ARG A 383 1.81 2.48 -20.32
N SER A 384 3.02 3.02 -20.19
CA SER A 384 4.24 2.32 -20.61
C SER A 384 4.45 1.01 -19.84
N THR A 385 4.14 1.01 -18.55
CA THR A 385 4.20 -0.20 -17.72
C THR A 385 3.15 -1.23 -18.15
N THR A 386 1.99 -0.75 -18.59
CA THR A 386 0.95 -1.62 -19.16
C THR A 386 1.43 -2.24 -20.48
N GLU A 387 1.92 -1.38 -21.39
N GLU A 387 1.94 -1.42 -21.40
CA GLU A 387 2.49 -1.78 -22.69
CA GLU A 387 2.41 -1.92 -22.70
C GLU A 387 3.59 -2.84 -22.57
C GLU A 387 3.63 -2.86 -22.60
N LYS A 388 4.47 -2.67 -21.59
CA LYS A 388 5.58 -3.61 -21.31
C LYS A 388 5.13 -5.03 -20.88
N SER A 389 3.91 -5.15 -20.37
CA SER A 389 3.36 -6.46 -19.98
C SER A 389 2.87 -7.33 -21.15
N LEU A 390 2.91 -6.81 -22.38
CA LEU A 390 2.59 -7.62 -23.56
C LEU A 390 3.62 -8.74 -23.71
N LEU A 391 3.13 -9.93 -24.03
CA LEU A 391 3.96 -11.13 -24.12
C LEU A 391 4.67 -11.25 -25.46
N LYS A 392 3.95 -10.91 -26.54
CA LYS A 392 4.53 -10.90 -27.90
C LYS A 392 4.13 -9.61 -28.63
N MET B 1 -4.54 -23.28 9.30
CA MET B 1 -3.29 -23.28 8.47
C MET B 1 -3.20 -22.04 7.57
N ILE B 2 -1.99 -21.48 7.46
CA ILE B 2 -1.74 -20.33 6.57
C ILE B 2 -1.42 -20.87 5.18
N SER B 3 -2.01 -20.24 4.15
CA SER B 3 -1.82 -20.67 2.76
C SER B 3 -0.37 -20.46 2.30
N LYS B 4 0.13 -21.40 1.50
CA LYS B 4 1.53 -21.42 1.05
C LYS B 4 1.91 -20.22 0.17
N GLU B 5 0.90 -19.64 -0.48
CA GLU B 5 1.03 -18.38 -1.22
C GLU B 5 1.57 -17.20 -0.39
N TYR B 6 1.37 -17.24 0.93
CA TYR B 6 1.89 -16.20 1.84
C TYR B 6 3.35 -16.35 2.27
N HIS B 7 4.00 -17.48 1.97
CA HIS B 7 5.43 -17.73 2.29
C HIS B 7 5.74 -17.58 3.80
N ILE B 8 4.95 -18.25 4.63
CA ILE B 8 5.12 -18.22 6.08
C ILE B 8 5.40 -19.65 6.57
N ASP B 9 6.61 -19.84 7.09
CA ASP B 9 7.06 -21.15 7.59
C ASP B 9 6.53 -21.37 9.01
N GLU B 10 6.15 -22.61 9.33
CA GLU B 10 5.65 -22.93 10.67
C GLU B 10 6.70 -22.66 11.77
N GLU B 11 7.96 -22.97 11.49
CA GLU B 11 9.03 -22.83 12.48
C GLU B 11 9.62 -21.40 12.53
N VAL B 12 10.14 -20.93 11.40
CA VAL B 12 10.85 -19.63 11.37
C VAL B 12 10.01 -18.43 10.89
N GLY B 13 8.72 -18.66 10.59
CA GLY B 13 7.78 -17.57 10.28
C GLY B 13 8.04 -16.84 8.97
N PHE B 14 8.24 -15.52 9.07
CA PHE B 14 8.55 -14.68 7.91
C PHE B 14 9.98 -14.88 7.40
N ALA B 15 10.86 -15.40 8.26
CA ALA B 15 12.22 -15.77 7.83
C ALA B 15 12.18 -16.84 6.75
N LEU B 16 13.18 -16.81 5.87
CA LEU B 16 13.33 -17.82 4.84
C LEU B 16 13.92 -19.06 5.53
N PRO B 17 13.22 -20.22 5.45
CA PRO B 17 13.74 -21.42 6.10
C PRO B 17 14.94 -21.99 5.37
N ASN B 18 15.88 -22.59 6.14
CA ASN B 18 17.14 -23.15 5.63
C ASN B 18 17.65 -22.46 4.35
N PRO B 19 18.10 -21.19 4.47
CA PRO B 19 18.55 -20.44 3.31
C PRO B 19 19.70 -21.10 2.55
N GLN B 20 19.73 -20.90 1.24
CA GLN B 20 20.83 -21.38 0.42
C GLN B 20 22.11 -20.59 0.73
N GLU B 21 23.25 -21.29 0.76
CA GLU B 21 24.55 -20.70 1.03
C GLU B 21 25.39 -20.51 -0.23
N ASN B 22 25.32 -21.47 -1.14
CA ASN B 22 26.13 -21.45 -2.37
C ASN B 22 25.25 -21.24 -3.61
N LEU B 23 25.72 -20.41 -4.53
CA LEU B 23 25.06 -20.21 -5.82
C LEU B 23 25.62 -21.25 -6.76
N PRO B 24 25.00 -21.43 -7.95
CA PRO B 24 25.67 -22.23 -9.00
C PRO B 24 27.06 -21.68 -9.35
N ASP B 25 27.95 -22.57 -9.79
CA ASP B 25 29.35 -22.21 -10.14
C ASP B 25 29.45 -21.02 -11.11
N PHE B 26 28.49 -20.91 -12.02
CA PHE B 26 28.34 -19.77 -12.94
C PHE B 26 28.50 -18.39 -12.27
N TYR B 27 28.08 -18.27 -11.02
CA TYR B 27 28.16 -17.02 -10.25
C TYR B 27 29.34 -16.98 -9.25
N ASN B 28 30.39 -17.78 -9.48
CA ASN B 28 31.58 -17.79 -8.60
C ASN B 28 32.20 -16.41 -8.35
N ASP B 29 32.24 -15.59 -9.40
CA ASP B 29 32.76 -14.22 -9.30
C ASP B 29 31.95 -13.32 -8.36
N TRP B 30 30.63 -13.52 -8.32
CA TRP B 30 29.79 -12.80 -7.35
C TRP B 30 30.09 -13.25 -5.92
N MET B 31 30.07 -14.57 -5.73
CA MET B 31 30.21 -15.19 -4.42
C MET B 31 31.55 -14.86 -3.77
N PHE B 32 32.63 -14.93 -4.55
CA PHE B 32 33.97 -14.57 -4.06
C PHE B 32 33.98 -13.18 -3.39
N ILE B 33 33.37 -12.20 -4.05
CA ILE B 33 33.35 -10.83 -3.56
C ILE B 33 32.56 -10.74 -2.26
N ALA B 34 31.36 -11.33 -2.26
CA ALA B 34 30.49 -11.34 -1.07
C ALA B 34 31.11 -12.08 0.12
N LYS B 35 31.68 -13.25 -0.15
CA LYS B 35 32.39 -14.03 0.88
C LYS B 35 33.56 -13.26 1.52
N HIS B 36 34.26 -12.46 0.72
CA HIS B 36 35.45 -11.74 1.17
C HIS B 36 35.29 -10.22 1.16
N LEU B 37 34.06 -9.74 1.39
CA LEU B 37 33.78 -8.31 1.50
C LEU B 37 34.67 -7.58 2.52
N PRO B 38 34.78 -8.10 3.77
CA PRO B 38 35.72 -7.49 4.73
C PRO B 38 37.14 -7.37 4.19
N ASP B 39 37.61 -8.45 3.57
CA ASP B 39 38.99 -8.56 3.13
C ASP B 39 39.29 -7.64 1.93
N LEU B 40 38.38 -7.62 0.96
CA LEU B 40 38.53 -6.77 -0.23
C LEU B 40 38.40 -5.28 0.05
N ILE B 41 37.46 -4.90 0.91
CA ILE B 41 37.32 -3.51 1.41
C ILE B 41 38.62 -3.06 2.12
N GLU B 42 39.16 -3.94 2.96
CA GLU B 42 40.31 -3.61 3.80
C GLU B 42 41.59 -3.44 2.98
N SER B 43 41.71 -4.21 1.91
CA SER B 43 42.85 -4.12 0.98
C SER B 43 42.68 -3.06 -0.14
N GLY B 44 41.53 -2.39 -0.18
CA GLY B 44 41.22 -1.41 -1.22
C GLY B 44 41.11 -2.04 -2.60
N GLN B 45 40.48 -3.22 -2.66
CA GLN B 45 40.33 -3.97 -3.92
C GLN B 45 38.89 -4.38 -4.24
N LEU B 46 37.94 -4.00 -3.38
CA LEU B 46 36.54 -4.34 -3.60
C LEU B 46 36.03 -3.74 -4.91
N ARG B 47 36.14 -2.41 -5.02
CA ARG B 47 35.68 -1.66 -6.19
C ARG B 47 36.33 -2.14 -7.48
N GLU B 48 37.63 -2.45 -7.40
CA GLU B 48 38.38 -3.03 -8.51
C GLU B 48 37.77 -4.36 -8.98
N ARG B 49 37.44 -5.24 -8.03
CA ARG B 49 36.83 -6.55 -8.37
C ARG B 49 35.41 -6.43 -8.96
N VAL B 50 34.61 -5.52 -8.41
CA VAL B 50 33.26 -5.26 -8.90
C VAL B 50 33.33 -4.64 -10.31
N GLU B 51 34.22 -3.68 -10.50
CA GLU B 51 34.40 -3.02 -11.80
C GLU B 51 34.93 -3.96 -12.92
N LYS B 52 35.60 -5.04 -12.53
CA LYS B 52 36.10 -6.06 -13.49
C LYS B 52 35.14 -7.24 -13.74
N LEU B 53 34.03 -7.31 -13.00
CA LEU B 53 32.99 -8.32 -13.26
C LEU B 53 32.43 -8.23 -14.68
N ASN B 54 32.18 -9.39 -15.29
CA ASN B 54 31.35 -9.48 -16.49
C ASN B 54 29.90 -9.41 -16.07
N MET B 55 29.02 -9.11 -17.03
CA MET B 55 27.58 -9.10 -16.74
C MET B 55 27.05 -10.52 -16.86
N LEU B 56 26.65 -11.09 -15.72
CA LEU B 56 26.11 -12.44 -15.68
C LEU B 56 24.58 -12.40 -15.74
N SER B 57 24.01 -13.23 -16.61
CA SER B 57 22.56 -13.42 -16.69
C SER B 57 22.02 -14.00 -15.38
N ILE B 58 20.84 -13.53 -14.97
CA ILE B 58 20.15 -14.06 -13.78
C ILE B 58 19.36 -15.35 -14.03
N ASP B 59 19.39 -15.85 -15.27
CA ASP B 59 18.52 -16.93 -15.71
C ASP B 59 18.88 -18.33 -15.18
N HIS B 60 20.06 -18.48 -14.58
CA HIS B 60 20.46 -19.75 -13.94
C HIS B 60 20.18 -19.74 -12.43
N LEU B 61 19.49 -18.71 -11.96
CA LEU B 61 18.89 -18.66 -10.63
C LEU B 61 17.44 -19.16 -10.80
N THR B 62 17.29 -20.48 -10.76
CA THR B 62 16.06 -21.16 -11.18
C THR B 62 14.95 -21.21 -10.12
N ASP B 63 15.31 -21.09 -8.84
CA ASP B 63 14.34 -21.15 -7.75
C ASP B 63 14.47 -19.97 -6.78
N HIS B 64 13.47 -19.85 -5.91
CA HIS B 64 13.35 -18.75 -4.96
C HIS B 64 14.57 -18.60 -4.03
N LYS B 65 15.06 -19.71 -3.47
CA LYS B 65 16.21 -19.65 -2.54
C LYS B 65 17.52 -19.21 -3.20
N SER B 66 17.77 -19.66 -4.43
CA SER B 66 18.92 -19.19 -5.20
C SER B 66 18.79 -17.70 -5.54
N GLN B 67 17.58 -17.30 -5.95
CA GLN B 67 17.27 -15.89 -6.22
C GLN B 67 17.44 -15.00 -4.99
N ARG B 68 16.97 -15.47 -3.83
CA ARG B 68 17.12 -14.73 -2.57
C ARG B 68 18.57 -14.64 -2.12
N LEU B 69 19.33 -15.73 -2.25
CA LEU B 69 20.76 -15.71 -1.97
C LEU B 69 21.46 -14.71 -2.89
N ALA B 70 21.16 -14.78 -4.19
CA ALA B 70 21.74 -13.87 -5.18
C ALA B 70 21.44 -12.39 -4.86
N ARG B 71 20.23 -12.12 -4.38
CA ARG B 71 19.85 -10.78 -3.90
C ARG B 71 20.69 -10.31 -2.71
N LEU B 72 20.89 -11.21 -1.76
CA LEU B 72 21.72 -10.97 -0.58
C LEU B 72 23.17 -10.72 -0.97
N VAL B 73 23.70 -11.58 -1.85
CA VAL B 73 25.06 -11.45 -2.40
C VAL B 73 25.26 -10.09 -3.10
N LEU B 74 24.38 -9.76 -4.03
CA LEU B 74 24.47 -8.51 -4.79
C LEU B 74 24.17 -7.27 -3.97
N GLY B 75 23.27 -7.40 -3.00
CA GLY B 75 22.93 -6.30 -2.10
C GLY B 75 24.09 -5.89 -1.20
N CYS B 76 24.80 -6.89 -0.66
CA CYS B 76 25.96 -6.66 0.18
C CYS B 76 27.10 -6.04 -0.63
N ILE B 77 27.29 -6.52 -1.86
CA ILE B 77 28.32 -5.98 -2.75
C ILE B 77 28.02 -4.51 -3.08
N THR B 78 26.75 -4.22 -3.39
CA THR B 78 26.30 -2.87 -3.71
C THR B 78 26.55 -1.90 -2.56
N MET B 79 26.13 -2.27 -1.35
CA MET B 79 26.40 -1.46 -0.15
C MET B 79 27.90 -1.19 0.02
N ALA B 80 28.71 -2.25 -0.11
CA ALA B 80 30.17 -2.14 0.00
C ALA B 80 30.78 -1.26 -1.08
N TYR B 81 30.30 -1.42 -2.32
CA TYR B 81 30.77 -0.63 -3.45
C TYR B 81 30.40 0.84 -3.27
N VAL B 82 29.17 1.11 -2.87
CA VAL B 82 28.70 2.48 -2.66
C VAL B 82 29.45 3.17 -1.52
N TRP B 83 29.58 2.51 -0.37
CA TRP B 83 30.15 3.13 0.82
C TRP B 83 31.67 2.98 0.95
N GLY B 84 32.26 1.93 0.36
CA GLY B 84 33.69 1.71 0.40
C GLY B 84 34.18 1.36 1.80
N LYS B 85 35.23 2.02 2.26
CA LYS B 85 35.71 1.86 3.64
C LYS B 85 34.88 2.64 4.69
N GLY B 86 33.79 3.27 4.27
CA GLY B 86 32.84 3.92 5.18
C GLY B 86 33.31 5.23 5.80
N HIS B 87 34.15 5.97 5.07
CA HIS B 87 34.72 7.24 5.56
C HIS B 87 34.51 8.43 4.61
N GLY B 88 33.41 8.40 3.84
CA GLY B 88 33.03 9.53 2.98
C GLY B 88 33.38 9.40 1.51
N ASP B 89 34.39 8.59 1.17
CA ASP B 89 34.71 8.30 -0.24
C ASP B 89 33.65 7.33 -0.76
N VAL B 90 32.77 7.86 -1.60
CA VAL B 90 31.49 7.22 -1.96
C VAL B 90 31.44 7.00 -3.47
N ARG B 91 30.67 5.99 -3.90
CA ARG B 91 30.32 5.82 -5.31
C ARG B 91 28.84 6.12 -5.57
N LYS B 92 28.59 7.03 -6.52
CA LYS B 92 27.25 7.47 -6.92
C LYS B 92 26.68 6.76 -8.18
N VAL B 93 27.49 5.95 -8.85
CA VAL B 93 27.05 5.11 -9.98
C VAL B 93 27.42 3.67 -9.68
N LEU B 94 26.42 2.77 -9.73
CA LEU B 94 26.66 1.33 -9.63
C LEU B 94 26.91 0.79 -11.04
N PRO B 95 28.13 0.23 -11.31
CA PRO B 95 28.48 -0.25 -12.67
C PRO B 95 27.48 -1.25 -13.24
N ARG B 96 27.30 -1.21 -14.57
CA ARG B 96 26.21 -1.94 -15.22
C ARG B 96 26.25 -3.46 -15.10
N ASN B 97 27.45 -4.01 -15.06
CA ASN B 97 27.63 -5.46 -14.96
C ASN B 97 27.14 -6.06 -13.63
N ILE B 98 27.06 -5.24 -12.59
CA ILE B 98 26.38 -5.64 -11.34
C ILE B 98 24.96 -5.03 -11.27
N ALA B 99 24.80 -3.76 -11.68
CA ALA B 99 23.51 -3.06 -11.58
C ALA B 99 22.36 -3.70 -12.37
N VAL B 100 22.65 -4.13 -13.60
CA VAL B 100 21.61 -4.74 -14.45
C VAL B 100 21.02 -6.04 -13.87
N PRO B 101 21.86 -7.07 -13.62
CA PRO B 101 21.31 -8.30 -12.99
C PRO B 101 20.64 -8.09 -11.62
N TYR B 102 21.21 -7.21 -10.79
CA TYR B 102 20.62 -6.90 -9.48
C TYR B 102 19.22 -6.29 -9.60
N CYS B 103 19.08 -5.32 -10.50
CA CYS B 103 17.78 -4.69 -10.80
C CYS B 103 16.79 -5.64 -11.48
N GLN B 104 17.30 -6.51 -12.35
CA GLN B 104 16.50 -7.56 -12.99
C GLN B 104 15.99 -8.55 -11.93
N LEU B 105 16.88 -8.99 -11.07
CA LEU B 105 16.56 -9.94 -10.00
C LEU B 105 15.59 -9.33 -8.98
N SER B 106 15.87 -8.10 -8.58
CA SER B 106 15.00 -7.30 -7.71
C SER B 106 13.59 -7.18 -8.27
N LYS B 107 13.49 -6.87 -9.56
CA LYS B 107 12.20 -6.81 -10.26
C LYS B 107 11.46 -8.14 -10.26
N LYS B 108 12.19 -9.24 -10.48
CA LYS B 108 11.61 -10.60 -10.44
C LYS B 108 11.00 -10.92 -9.07
N LEU B 109 11.73 -10.59 -8.01
CA LEU B 109 11.29 -10.81 -6.62
C LEU B 109 10.44 -9.67 -6.03
N GLU B 110 10.20 -8.64 -6.83
CA GLU B 110 9.38 -7.47 -6.45
C GLU B 110 9.92 -6.76 -5.19
N LEU B 111 11.23 -6.65 -5.11
CA LEU B 111 11.87 -5.90 -4.04
C LEU B 111 12.68 -4.78 -4.66
N PRO B 112 12.91 -3.68 -3.91
CA PRO B 112 13.70 -2.59 -4.46
C PRO B 112 15.18 -2.97 -4.55
N PRO B 113 15.93 -2.39 -5.51
CA PRO B 113 17.34 -2.76 -5.69
C PRO B 113 18.26 -2.15 -4.63
N ILE B 114 18.04 -2.55 -3.38
CA ILE B 114 18.88 -2.17 -2.25
C ILE B 114 18.78 -3.28 -1.21
N LEU B 115 19.82 -3.40 -0.38
CA LEU B 115 19.82 -4.39 0.69
C LEU B 115 18.73 -4.06 1.72
N VAL B 116 17.79 -5.00 1.89
CA VAL B 116 16.70 -4.88 2.86
C VAL B 116 16.84 -5.91 3.99
N TYR B 117 15.99 -5.74 5.01
CA TYR B 117 15.83 -6.65 6.15
C TYR B 117 15.60 -8.12 5.72
N ALA B 118 14.74 -8.33 4.74
CA ALA B 118 14.51 -9.67 4.15
C ALA B 118 15.77 -10.34 3.59
N ASP B 119 16.77 -9.55 3.18
CA ASP B 119 18.04 -10.10 2.69
C ASP B 119 18.98 -10.38 3.85
N CYS B 120 19.37 -9.31 4.54
CA CYS B 120 20.47 -9.36 5.52
C CYS B 120 20.09 -9.96 6.88
N VAL B 121 18.81 -10.22 7.13
CA VAL B 121 18.35 -10.95 8.32
C VAL B 121 17.66 -12.24 7.93
N LEU B 122 16.58 -12.12 7.16
CA LEU B 122 15.70 -13.28 6.90
C LEU B 122 16.31 -14.36 6.04
N ALA B 123 17.25 -13.99 5.15
CA ALA B 123 17.93 -14.96 4.28
C ALA B 123 19.44 -15.10 4.55
N ASN B 124 19.95 -14.40 5.57
CA ASN B 124 21.39 -14.28 5.83
C ASN B 124 21.78 -15.12 7.04
N TRP B 125 21.43 -16.40 7.00
CA TRP B 125 21.74 -17.29 8.12
C TRP B 125 21.89 -18.77 7.75
N LYS B 126 22.58 -19.49 8.63
CA LYS B 126 22.66 -20.94 8.61
C LYS B 126 22.77 -21.44 10.04
N LYS B 127 22.35 -22.68 10.27
CA LYS B 127 22.64 -23.37 11.52
C LYS B 127 23.86 -24.27 11.31
N LYS B 128 24.82 -24.19 12.24
CA LYS B 128 26.10 -24.91 12.14
C LYS B 128 25.89 -26.42 12.12
N ASP B 129 25.15 -26.92 13.10
CA ASP B 129 24.76 -28.32 13.21
C ASP B 129 23.25 -28.41 12.89
N PRO B 130 22.88 -29.01 11.73
CA PRO B 130 21.47 -29.22 11.36
C PRO B 130 20.62 -30.00 12.37
N ASN B 131 21.25 -30.82 13.20
CA ASN B 131 20.56 -31.61 14.23
C ASN B 131 20.29 -30.83 15.52
N LYS B 132 21.15 -29.84 15.82
CA LYS B 132 20.96 -28.96 16.99
C LYS B 132 19.95 -27.86 16.69
N PRO B 133 19.27 -27.32 17.72
CA PRO B 133 18.21 -26.33 17.51
C PRO B 133 18.65 -24.93 17.02
N LEU B 134 17.66 -24.07 16.78
CA LEU B 134 17.88 -22.69 16.37
C LEU B 134 18.25 -21.84 17.58
N THR B 135 19.54 -21.84 17.92
CA THR B 135 20.10 -20.97 18.96
C THR B 135 21.27 -20.18 18.37
N TYR B 136 21.55 -19.02 18.97
CA TYR B 136 22.65 -18.14 18.53
C TYR B 136 23.97 -18.89 18.39
N GLU B 137 24.24 -19.77 19.36
CA GLU B 137 25.51 -20.48 19.45
C GLU B 137 25.62 -21.58 18.40
N ASN B 138 24.47 -22.14 18.00
CA ASN B 138 24.38 -23.04 16.83
C ASN B 138 24.07 -22.34 15.48
N MET B 139 24.19 -21.01 15.42
CA MET B 139 23.87 -20.28 14.19
C MET B 139 24.98 -19.33 13.76
N ASP B 140 25.01 -19.04 12.47
CA ASP B 140 25.93 -18.06 11.92
C ASP B 140 25.28 -17.31 10.75
N VAL B 141 25.83 -16.13 10.44
CA VAL B 141 25.44 -15.38 9.24
C VAL B 141 26.24 -15.83 8.02
N LEU B 142 25.67 -15.60 6.83
CA LEU B 142 26.35 -15.90 5.56
C LEU B 142 27.36 -14.82 5.17
N PHE B 143 27.01 -13.55 5.38
CA PHE B 143 27.83 -12.42 4.95
C PHE B 143 27.93 -11.33 6.01
N SER B 144 29.09 -10.67 6.01
CA SER B 144 29.43 -9.57 6.91
C SER B 144 30.07 -8.47 6.09
N PHE B 145 30.23 -7.30 6.71
CA PHE B 145 30.81 -6.14 6.01
C PHE B 145 32.29 -5.90 6.34
N ARG B 146 32.59 -5.78 7.64
CA ARG B 146 33.96 -5.59 8.13
C ARG B 146 34.23 -6.49 9.31
N ASP B 147 35.51 -6.71 9.60
CA ASP B 147 35.92 -7.45 10.80
C ASP B 147 35.55 -6.61 12.03
N GLY B 148 34.99 -7.28 13.05
CA GLY B 148 34.55 -6.60 14.27
C GLY B 148 33.34 -5.68 14.12
N ASP B 149 32.56 -5.88 13.06
CA ASP B 149 31.36 -5.06 12.82
C ASP B 149 30.13 -5.52 13.62
N CYS B 150 30.24 -6.66 14.30
CA CYS B 150 29.15 -7.25 15.11
C CYS B 150 27.92 -7.65 14.28
N SER B 151 28.13 -7.94 13.00
CA SER B 151 27.05 -8.31 12.09
C SER B 151 26.37 -9.63 12.46
N LYS B 152 27.15 -10.58 12.98
N LYS B 152 27.15 -10.58 12.98
CA LYS B 152 26.60 -11.86 13.48
CA LYS B 152 26.62 -11.85 13.48
C LYS B 152 25.57 -11.60 14.58
C LYS B 152 25.59 -11.62 14.58
N GLY B 153 25.96 -10.82 15.58
CA GLY B 153 25.08 -10.47 16.69
C GLY B 153 23.88 -9.64 16.30
N PHE B 154 24.10 -8.67 15.42
CA PHE B 154 23.08 -7.75 14.94
C PHE B 154 22.01 -8.45 14.10
N PHE B 155 22.45 -9.23 13.12
CA PHE B 155 21.52 -9.89 12.20
C PHE B 155 20.82 -11.11 12.82
N LEU B 156 21.55 -11.90 13.61
CA LEU B 156 20.96 -13.13 14.19
C LEU B 156 20.05 -12.85 15.37
N VAL B 157 20.38 -11.86 16.21
CA VAL B 157 19.46 -11.49 17.30
C VAL B 157 18.16 -10.96 16.70
N SER B 158 18.27 -10.09 15.69
CA SER B 158 17.10 -9.64 14.93
C SER B 158 16.31 -10.85 14.40
N LEU B 159 17.02 -11.82 13.81
CA LEU B 159 16.41 -13.06 13.31
C LEU B 159 15.79 -13.89 14.42
N LEU B 160 16.48 -13.99 15.55
CA LEU B 160 15.98 -14.80 16.66
C LEU B 160 14.68 -14.23 17.26
N VAL B 161 14.59 -12.90 17.33
CA VAL B 161 13.35 -12.19 17.69
C VAL B 161 12.24 -12.51 16.67
N GLU B 162 12.61 -12.43 15.40
CA GLU B 162 11.71 -12.76 14.29
C GLU B 162 11.15 -14.18 14.42
N ILE B 163 12.00 -15.15 14.76
CA ILE B 163 11.59 -16.56 14.94
C ILE B 163 10.71 -16.75 16.19
N ALA B 164 11.03 -16.06 17.28
CA ALA B 164 10.19 -16.09 18.50
C ALA B 164 8.74 -15.67 18.20
N ALA B 165 8.60 -14.62 17.40
CA ALA B 165 7.29 -14.15 16.92
C ALA B 165 6.58 -15.13 15.96
N ALA B 166 7.34 -15.95 15.23
CA ALA B 166 6.79 -17.00 14.35
C ALA B 166 5.82 -17.95 15.04
N SER B 167 6.11 -18.27 16.29
CA SER B 167 5.26 -19.15 17.11
C SER B 167 3.88 -18.56 17.38
N ALA B 168 3.79 -17.22 17.39
CA ALA B 168 2.50 -16.51 17.51
C ALA B 168 1.80 -16.42 16.17
N ILE B 169 2.58 -16.26 15.09
CA ILE B 169 2.03 -16.07 13.74
C ILE B 169 1.20 -17.27 13.30
N LYS B 170 1.64 -18.48 13.67
CA LYS B 170 0.89 -19.71 13.40
C LYS B 170 -0.46 -19.85 14.14
N VAL B 171 -0.69 -19.02 15.16
CA VAL B 171 -1.96 -19.00 15.90
C VAL B 171 -3.05 -18.14 15.23
N ILE B 172 -2.65 -17.31 14.25
CA ILE B 172 -3.54 -16.32 13.63
C ILE B 172 -4.85 -16.92 13.03
N PRO B 173 -4.76 -17.98 12.19
CA PRO B 173 -5.99 -18.64 11.72
C PRO B 173 -6.88 -19.28 12.81
N THR B 174 -6.29 -19.72 13.93
CA THR B 174 -7.05 -20.15 15.11
C THR B 174 -7.88 -19.01 15.68
N VAL B 175 -7.28 -17.81 15.78
CA VAL B 175 -7.96 -16.61 16.25
C VAL B 175 -9.19 -16.27 15.39
N PHE B 176 -9.01 -16.20 14.07
CA PHE B 176 -10.08 -15.81 13.15
C PHE B 176 -11.18 -16.87 12.98
N LYS B 177 -10.82 -18.14 13.05
CA LYS B 177 -11.81 -19.23 13.00
C LYS B 177 -12.64 -19.28 14.29
N ALA B 178 -11.99 -19.03 15.44
CA ALA B 178 -12.67 -18.97 16.74
C ALA B 178 -13.69 -17.82 16.83
N MET B 179 -13.40 -16.70 16.18
CA MET B 179 -14.33 -15.57 16.11
C MET B 179 -15.59 -15.91 15.30
N GLN B 180 -15.39 -16.45 14.10
CA GLN B 180 -16.53 -16.80 13.22
C GLN B 180 -17.38 -17.94 13.79
N MET B 181 -16.73 -18.96 14.33
N MET B 181 -16.72 -18.97 14.33
CA MET B 181 -17.41 -20.07 15.02
CA MET B 181 -17.38 -20.07 15.04
C MET B 181 -17.93 -19.71 16.43
C MET B 181 -17.98 -19.68 16.39
N GLN B 182 -17.53 -18.55 16.95
CA GLN B 182 -17.92 -18.08 18.31
C GLN B 182 -17.43 -19.05 19.39
N GLU B 183 -16.15 -19.41 19.31
CA GLU B 183 -15.50 -20.27 20.29
C GLU B 183 -14.68 -19.40 21.22
N ARG B 184 -15.28 -19.04 22.36
CA ARG B 184 -14.69 -18.09 23.30
C ARG B 184 -13.42 -18.63 23.96
N ASP B 185 -13.49 -19.85 24.50
CA ASP B 185 -12.35 -20.48 25.17
C ASP B 185 -11.17 -20.68 24.21
N THR B 186 -11.46 -21.11 22.98
CA THR B 186 -10.45 -21.26 21.94
C THR B 186 -9.79 -19.92 21.60
N LEU B 187 -10.60 -18.87 21.41
CA LEU B 187 -10.07 -17.51 21.19
C LEU B 187 -9.20 -17.01 22.34
N LEU B 188 -9.60 -17.32 23.59
CA LEU B 188 -8.83 -16.91 24.77
C LEU B 188 -7.45 -17.58 24.82
N LYS B 189 -7.44 -18.91 24.70
CA LYS B 189 -6.21 -19.69 24.59
C LYS B 189 -5.31 -19.18 23.45
N ALA B 190 -5.91 -18.89 22.29
CA ALA B 190 -5.18 -18.35 21.13
C ALA B 190 -4.45 -17.07 21.48
N LEU B 191 -5.17 -16.12 22.08
CA LEU B 191 -4.61 -14.82 22.43
C LEU B 191 -3.53 -14.91 23.51
N LEU B 192 -3.75 -15.74 24.53
CA LEU B 192 -2.72 -15.99 25.57
C LEU B 192 -1.43 -16.58 25.00
N GLU B 193 -1.56 -17.47 24.02
CA GLU B 193 -0.40 -18.02 23.31
C GLU B 193 0.36 -16.96 22.50
N ILE B 194 -0.37 -16.09 21.82
CA ILE B 194 0.24 -14.96 21.09
C ILE B 194 1.06 -14.06 22.03
N ALA B 195 0.45 -13.66 23.14
CA ALA B 195 1.11 -12.80 24.15
C ALA B 195 2.38 -13.42 24.73
N SER B 196 2.36 -14.74 24.93
CA SER B 196 3.49 -15.49 25.47
C SER B 196 4.68 -15.51 24.52
N CYS B 197 4.41 -15.74 23.23
CA CYS B 197 5.44 -15.71 22.19
C CYS B 197 6.07 -14.32 22.00
N LEU B 198 5.27 -13.28 22.17
CA LEU B 198 5.74 -11.89 22.07
C LEU B 198 6.54 -11.48 23.32
N GLU B 199 6.14 -12.02 24.48
CA GLU B 199 6.93 -11.89 25.72
C GLU B 199 8.27 -12.63 25.57
N LYS B 200 8.23 -13.82 24.97
CA LYS B 200 9.43 -14.59 24.64
C LYS B 200 10.36 -13.84 23.68
N ALA B 201 9.77 -13.10 22.73
CA ALA B 201 10.53 -12.31 21.75
C ALA B 201 11.31 -11.15 22.38
N LEU B 202 10.75 -10.53 23.42
CA LEU B 202 11.44 -9.48 24.18
C LEU B 202 12.66 -10.01 24.93
N GLN B 203 12.57 -11.22 25.49
CA GLN B 203 13.68 -11.88 26.19
C GLN B 203 14.80 -12.32 25.25
N VAL B 204 14.46 -12.57 23.99
CA VAL B 204 15.46 -12.80 22.94
C VAL B 204 16.18 -11.49 22.59
N PHE B 205 15.40 -10.41 22.46
CA PHE B 205 15.93 -9.05 22.22
C PHE B 205 17.02 -8.67 23.24
N HIS B 206 16.89 -9.11 24.51
CA HIS B 206 17.89 -8.86 25.56
C HIS B 206 19.33 -9.25 25.17
N GLN B 207 19.46 -10.29 24.34
CA GLN B 207 20.77 -10.81 23.89
C GLN B 207 21.61 -9.84 23.03
N ILE B 208 20.98 -8.79 22.48
CA ILE B 208 21.69 -7.78 21.66
C ILE B 208 22.92 -7.15 22.37
N HIS B 209 22.79 -6.92 23.68
CA HIS B 209 23.87 -6.32 24.49
C HIS B 209 25.10 -7.23 24.59
N ASP B 210 24.85 -8.54 24.60
CA ASP B 210 25.91 -9.54 24.66
C ASP B 210 26.76 -9.59 23.39
N HIS B 211 26.11 -9.39 22.24
CA HIS B 211 26.71 -9.71 20.94
C HIS B 211 26.98 -8.52 20.01
N VAL B 212 26.48 -7.33 20.37
CA VAL B 212 26.67 -6.11 19.59
C VAL B 212 27.09 -5.00 20.52
N ASN B 213 28.22 -4.34 20.24
CA ASN B 213 28.63 -3.15 20.98
C ASN B 213 28.28 -1.88 20.18
N PRO B 214 27.89 -0.78 20.88
CA PRO B 214 27.39 0.44 20.20
C PRO B 214 28.36 1.09 19.20
N LYS B 215 29.65 1.08 19.52
CA LYS B 215 30.68 1.66 18.65
C LYS B 215 30.75 0.93 17.31
N ALA B 216 30.67 -0.39 17.36
CA ALA B 216 30.69 -1.21 16.14
C ALA B 216 29.43 -1.03 15.30
N PHE B 217 28.25 -0.95 15.94
CA PHE B 217 27.02 -0.66 15.18
C PHE B 217 27.04 0.76 14.58
N PHE B 218 27.34 1.75 15.41
CA PHE B 218 27.18 3.16 15.01
C PHE B 218 28.22 3.60 13.97
N SER B 219 29.49 3.29 14.21
CA SER B 219 30.57 3.77 13.34
C SER B 219 30.84 2.89 12.11
N VAL B 220 30.37 1.64 12.11
CA VAL B 220 30.67 0.68 11.04
C VAL B 220 29.40 0.15 10.40
N LEU B 221 28.62 -0.62 11.14
CA LEU B 221 27.52 -1.40 10.57
C LEU B 221 26.36 -0.53 10.06
N ARG B 222 26.06 0.54 10.81
CA ARG B 222 25.09 1.57 10.40
C ARG B 222 25.44 2.24 9.06
N ILE B 223 26.75 2.37 8.80
CA ILE B 223 27.25 3.03 7.60
C ILE B 223 26.87 2.21 6.37
N TYR B 224 27.11 0.91 6.45
CA TYR B 224 26.85 -0.02 5.33
C TYR B 224 25.37 -0.32 5.09
N LEU B 225 24.53 -0.13 6.10
CA LEU B 225 23.09 -0.34 5.95
C LEU B 225 22.34 0.94 5.58
N SER B 226 23.03 2.08 5.55
CA SER B 226 22.46 3.34 5.12
C SER B 226 22.01 3.32 3.65
N GLY B 227 20.85 3.88 3.38
CA GLY B 227 20.31 3.96 2.03
C GLY B 227 20.70 5.26 1.37
N TRP B 228 20.01 5.58 0.28
CA TRP B 228 20.22 6.83 -0.45
C TRP B 228 18.86 7.47 -0.74
N LYS B 229 18.07 7.63 0.33
CA LYS B 229 16.82 8.41 0.31
C LYS B 229 16.94 9.53 1.34
N GLY B 230 16.96 10.78 0.86
CA GLY B 230 17.17 11.94 1.71
C GLY B 230 18.53 11.92 2.41
N ASN B 231 19.54 11.40 1.72
CA ASN B 231 20.88 11.19 2.25
C ASN B 231 21.80 12.22 1.58
N PRO B 232 22.32 13.20 2.35
CA PRO B 232 23.24 14.22 1.79
C PRO B 232 24.45 13.71 1.00
N GLN B 233 24.96 12.53 1.36
CA GLN B 233 26.11 11.91 0.68
C GLN B 233 25.79 11.40 -0.74
N LEU B 234 24.54 10.99 -0.96
CA LEU B 234 24.01 10.70 -2.32
C LEU B 234 22.69 11.42 -2.46
N SER B 235 22.78 12.73 -2.71
CA SER B 235 21.64 13.65 -2.60
C SER B 235 20.54 13.39 -3.65
N ASP B 236 20.94 12.89 -4.82
CA ASP B 236 20.02 12.58 -5.91
C ASP B 236 19.63 11.09 -5.98
N GLY B 237 20.25 10.27 -5.13
CA GLY B 237 20.10 8.81 -5.18
C GLY B 237 21.28 8.20 -5.89
N LEU B 238 21.12 6.93 -6.29
CA LEU B 238 22.17 6.14 -6.93
C LEU B 238 21.80 5.84 -8.37
N VAL B 239 22.75 6.05 -9.29
CA VAL B 239 22.59 5.64 -10.68
C VAL B 239 22.81 4.12 -10.75
N TYR B 240 21.76 3.40 -11.15
CA TYR B 240 21.86 1.99 -11.53
C TYR B 240 22.13 1.94 -13.04
N GLU B 241 23.41 1.88 -13.39
CA GLU B 241 23.88 2.02 -14.77
C GLU B 241 23.38 0.91 -15.68
N GLY B 242 22.75 1.28 -16.79
CA GLY B 242 22.27 0.33 -17.79
C GLY B 242 20.88 -0.21 -17.55
N PHE B 243 20.29 0.07 -16.39
CA PHE B 243 18.92 -0.32 -16.09
C PHE B 243 17.99 0.89 -16.07
N TRP B 244 18.39 1.94 -15.34
CA TRP B 244 17.70 3.24 -15.38
C TRP B 244 18.69 4.35 -15.72
N GLU B 245 18.18 5.40 -16.36
CA GLU B 245 18.99 6.50 -16.86
C GLU B 245 19.30 7.50 -15.73
N ASP B 246 18.28 7.81 -14.92
CA ASP B 246 18.39 8.76 -13.81
C ASP B 246 18.61 8.07 -12.45
N PRO B 247 19.26 8.76 -11.50
CA PRO B 247 19.50 8.16 -10.18
C PRO B 247 18.21 7.95 -9.36
N LYS B 248 18.19 6.91 -8.55
CA LYS B 248 16.99 6.51 -7.80
C LYS B 248 17.26 6.51 -6.30
N GLU B 249 16.26 6.95 -5.53
CA GLU B 249 16.30 6.94 -4.07
C GLU B 249 15.61 5.70 -3.52
N PHE B 250 16.32 4.95 -2.67
CA PHE B 250 15.74 3.84 -1.90
C PHE B 250 16.25 3.91 -0.46
N ALA B 251 15.37 3.62 0.49
CA ALA B 251 15.70 3.67 1.92
C ALA B 251 16.62 2.53 2.34
N GLY B 252 17.44 2.79 3.36
CA GLY B 252 18.33 1.81 3.93
C GLY B 252 17.60 0.83 4.84
N GLY B 253 18.28 -0.29 5.12
CA GLY B 253 17.71 -1.40 5.89
C GLY B 253 17.28 -1.04 7.29
N SER B 254 16.13 -1.57 7.71
CA SER B 254 15.54 -1.30 9.02
C SER B 254 14.68 -2.49 9.42
N ALA B 255 14.61 -2.79 10.73
CA ALA B 255 13.62 -3.73 11.26
C ALA B 255 12.20 -3.14 11.33
N GLY B 256 12.05 -1.87 10.92
CA GLY B 256 10.76 -1.35 10.45
C GLY B 256 10.25 -2.07 9.21
N GLN B 257 11.17 -2.69 8.45
CA GLN B 257 10.84 -3.56 7.30
C GLN B 257 10.38 -4.98 7.70
N SER B 258 10.44 -5.32 8.99
CA SER B 258 9.89 -6.58 9.49
C SER B 258 8.36 -6.60 9.37
N SER B 259 7.82 -7.75 8.98
CA SER B 259 6.38 -7.94 8.92
C SER B 259 5.79 -8.30 10.29
N VAL B 260 6.63 -8.70 11.26
CA VAL B 260 6.20 -9.16 12.59
C VAL B 260 5.35 -8.16 13.35
N PHE B 261 5.93 -6.99 13.61
CA PHE B 261 5.25 -5.97 14.43
C PHE B 261 4.02 -5.44 13.68
N GLN B 262 4.17 -5.19 12.38
CA GLN B 262 3.06 -4.77 11.51
C GLN B 262 1.91 -5.78 11.52
N CYS B 263 2.25 -7.06 11.47
CA CYS B 263 1.28 -8.17 11.51
C CYS B 263 0.38 -8.15 12.75
N PHE B 264 0.99 -8.05 13.92
CA PHE B 264 0.24 -8.07 15.18
C PHE B 264 -0.45 -6.75 15.49
N ASP B 265 0.07 -5.64 14.96
CA ASP B 265 -0.66 -4.37 14.97
C ASP B 265 -1.96 -4.44 14.18
N VAL B 266 -1.89 -4.98 12.97
CA VAL B 266 -3.08 -5.19 12.15
C VAL B 266 -4.06 -6.11 12.87
N LEU B 267 -3.58 -7.31 13.22
CA LEU B 267 -4.37 -8.32 13.96
C LEU B 267 -5.17 -7.73 15.12
N LEU B 268 -4.49 -6.95 15.96
CA LEU B 268 -5.07 -6.43 17.20
C LEU B 268 -5.81 -5.09 17.00
N GLY B 269 -5.94 -4.62 15.76
CA GLY B 269 -6.61 -3.36 15.46
C GLY B 269 -5.90 -2.12 15.97
N ILE B 270 -4.59 -2.20 16.12
CA ILE B 270 -3.75 -1.06 16.49
C ILE B 270 -3.50 -0.30 15.19
N GLN B 271 -4.24 0.78 14.97
CA GLN B 271 -4.31 1.44 13.67
C GLN B 271 -3.06 2.30 13.43
N GLN B 272 -1.95 1.64 13.08
CA GLN B 272 -0.67 2.32 12.90
C GLN B 272 -0.58 3.03 11.56
N THR B 273 -0.85 2.30 10.48
CA THR B 273 -0.76 2.84 9.11
C THR B 273 -1.97 3.67 8.67
N ALA B 274 -3.04 3.70 9.48
CA ALA B 274 -4.20 4.55 9.22
C ALA B 274 -3.93 6.01 9.60
N GLY B 275 -4.82 6.90 9.18
CA GLY B 275 -4.74 8.32 9.52
C GLY B 275 -4.04 9.18 8.46
N GLY B 276 -2.82 8.78 8.11
CA GLY B 276 -2.03 9.47 7.08
C GLY B 276 -1.05 10.50 7.62
N GLY B 277 -0.55 10.30 8.85
CA GLY B 277 0.50 11.12 9.43
C GLY B 277 1.88 10.65 8.99
N HIS B 278 2.92 11.24 9.59
CA HIS B 278 4.30 10.91 9.24
C HIS B 278 4.69 9.47 9.62
N ALA B 279 4.24 9.00 10.77
CA ALA B 279 4.55 7.65 11.26
C ALA B 279 3.75 6.58 10.51
N ALA B 280 2.47 6.86 10.29
CA ALA B 280 1.57 5.99 9.50
C ALA B 280 2.07 5.80 8.07
N GLN B 281 2.41 6.90 7.41
CA GLN B 281 2.94 6.89 6.04
C GLN B 281 4.27 6.12 5.94
N PHE B 282 5.14 6.28 6.93
CA PHE B 282 6.44 5.60 6.96
C PHE B 282 6.29 4.08 7.01
N LEU B 283 5.41 3.59 7.87
CA LEU B 283 5.21 2.15 8.03
C LEU B 283 4.48 1.52 6.84
N GLN B 284 3.62 2.30 6.19
CA GLN B 284 2.96 1.88 4.95
C GLN B 284 4.00 1.78 3.81
N ASP B 285 4.88 2.78 3.73
CA ASP B 285 6.00 2.77 2.80
C ASP B 285 7.01 1.63 3.05
N MET B 286 7.23 1.28 4.32
CA MET B 286 8.08 0.10 4.66
C MET B 286 7.57 -1.23 4.10
N ARG B 287 6.27 -1.34 3.85
CA ARG B 287 5.69 -2.55 3.24
C ARG B 287 6.25 -2.84 1.86
N ARG B 288 6.53 -1.79 1.09
CA ARG B 288 7.20 -1.92 -0.23
C ARG B 288 8.61 -2.53 -0.15
N TYR B 289 9.23 -2.49 1.03
CA TYR B 289 10.53 -3.12 1.27
C TYR B 289 10.43 -4.56 1.81
N MET B 290 9.20 -5.08 1.93
CA MET B 290 8.98 -6.46 2.39
C MET B 290 8.78 -7.35 1.16
N PRO B 291 9.02 -8.67 1.30
CA PRO B 291 8.70 -9.56 0.17
C PRO B 291 7.21 -9.51 -0.14
N PRO B 292 6.83 -9.61 -1.44
CA PRO B 292 5.44 -9.38 -1.84
C PRO B 292 4.43 -10.28 -1.14
N ALA B 293 4.78 -11.55 -0.94
CA ALA B 293 3.90 -12.52 -0.26
C ALA B 293 3.58 -12.10 1.17
N HIS B 294 4.53 -11.43 1.83
CA HIS B 294 4.33 -10.94 3.20
C HIS B 294 3.47 -9.66 3.26
N ARG B 295 3.63 -8.77 2.28
CA ARG B 295 2.69 -7.66 2.09
C ARG B 295 1.29 -8.18 1.91
N ASN B 296 1.15 -9.16 1.01
CA ASN B 296 -0.12 -9.80 0.73
C ASN B 296 -0.76 -10.37 2.00
N PHE B 297 0.07 -10.99 2.85
CA PHE B 297 -0.39 -11.49 4.15
C PHE B 297 -0.88 -10.34 5.05
N LEU B 298 -0.12 -9.25 5.12
CA LEU B 298 -0.50 -8.07 5.92
C LEU B 298 -1.83 -7.45 5.48
N CYS B 299 -2.02 -7.26 4.18
CA CYS B 299 -3.30 -6.74 3.68
C CYS B 299 -4.46 -7.75 3.81
N SER B 300 -4.16 -9.06 3.74
N SER B 300 -4.16 -9.06 3.74
CA SER B 300 -5.17 -10.10 3.99
CA SER B 300 -5.17 -10.10 3.97
C SER B 300 -5.70 -10.09 5.42
C SER B 300 -5.69 -10.11 5.41
N LEU B 301 -4.82 -9.83 6.39
CA LEU B 301 -5.23 -9.66 7.79
C LEU B 301 -6.19 -8.49 7.97
N GLU B 302 -5.95 -7.40 7.23
CA GLU B 302 -6.81 -6.21 7.25
C GLU B 302 -8.20 -6.47 6.67
N SER B 303 -8.30 -7.46 5.77
CA SER B 303 -9.58 -7.88 5.17
C SER B 303 -10.48 -8.66 6.12
N ASN B 304 -9.87 -9.43 7.03
CA ASN B 304 -10.60 -10.18 8.05
C ASN B 304 -11.25 -9.24 9.09
N PRO B 305 -12.30 -9.72 9.80
CA PRO B 305 -12.92 -8.88 10.83
C PRO B 305 -12.02 -8.62 12.06
N SER B 306 -12.39 -7.62 12.84
CA SER B 306 -11.56 -7.10 13.93
C SER B 306 -11.62 -7.96 15.20
N VAL B 307 -10.45 -8.30 15.74
CA VAL B 307 -10.33 -8.96 17.05
C VAL B 307 -10.67 -7.99 18.18
N ARG B 308 -10.20 -6.74 18.06
CA ARG B 308 -10.49 -5.67 19.03
C ARG B 308 -12.00 -5.44 19.19
N GLU B 309 -12.72 -5.32 18.08
N GLU B 309 -12.69 -5.31 18.06
CA GLU B 309 -14.17 -5.06 18.13
CA GLU B 309 -14.15 -5.10 17.99
C GLU B 309 -14.99 -6.29 18.56
C GLU B 309 -14.92 -6.28 18.60
N PHE B 310 -14.49 -7.49 18.25
CA PHE B 310 -15.06 -8.73 18.79
C PHE B 310 -14.95 -8.76 20.32
N VAL B 311 -13.72 -8.63 20.82
CA VAL B 311 -13.43 -8.66 22.26
C VAL B 311 -14.15 -7.55 23.05
N LEU B 312 -14.21 -6.35 22.49
CA LEU B 312 -14.94 -5.23 23.11
C LEU B 312 -16.45 -5.44 23.25
N SER B 313 -17.04 -6.26 22.38
CA SER B 313 -18.48 -6.47 22.35
C SER B 313 -19.00 -7.56 23.31
N LYS B 314 -18.10 -8.27 24.00
CA LYS B 314 -18.49 -9.52 24.71
C LYS B 314 -18.72 -9.40 26.22
N GLY B 315 -18.31 -8.29 26.84
CA GLY B 315 -18.47 -8.11 28.30
C GLY B 315 -17.78 -9.20 29.11
N ASP B 316 -16.59 -9.56 28.66
CA ASP B 316 -15.87 -10.75 29.08
C ASP B 316 -14.46 -10.31 29.52
N ALA B 317 -14.18 -10.37 30.82
CA ALA B 317 -12.90 -9.88 31.38
C ALA B 317 -11.72 -10.76 30.99
N GLY B 318 -11.92 -12.07 30.96
CA GLY B 318 -10.90 -13.02 30.51
C GLY B 318 -10.42 -12.78 29.09
N LEU B 319 -11.36 -12.55 28.17
CA LEU B 319 -11.04 -12.21 26.78
C LEU B 319 -10.32 -10.86 26.67
N ARG B 320 -10.84 -9.86 27.37
CA ARG B 320 -10.25 -8.51 27.36
C ARG B 320 -8.80 -8.52 27.87
N GLU B 321 -8.56 -9.28 28.95
CA GLU B 321 -7.23 -9.41 29.54
C GLU B 321 -6.25 -10.17 28.64
N ALA B 322 -6.76 -11.17 27.92
CA ALA B 322 -5.95 -11.89 26.92
C ALA B 322 -5.57 -11.00 25.73
N TYR B 323 -6.49 -10.12 25.33
CA TYR B 323 -6.21 -9.11 24.30
C TYR B 323 -5.19 -8.07 24.78
N ASP B 324 -5.37 -7.56 25.99
CA ASP B 324 -4.43 -6.59 26.57
C ASP B 324 -3.04 -7.16 26.77
N ALA B 325 -2.94 -8.45 27.11
CA ALA B 325 -1.66 -9.14 27.26
C ALA B 325 -0.82 -9.06 25.97
N CYS B 326 -1.48 -9.29 24.83
CA CYS B 326 -0.87 -9.16 23.50
C CYS B 326 -0.46 -7.73 23.17
N VAL B 327 -1.34 -6.77 23.49
CA VAL B 327 -1.03 -5.34 23.31
C VAL B 327 0.11 -4.90 24.25
N LYS B 328 0.02 -5.29 25.52
CA LYS B 328 1.05 -4.97 26.52
C LYS B 328 2.42 -5.52 26.12
N ALA B 329 2.44 -6.74 25.55
CA ALA B 329 3.67 -7.35 25.05
C ALA B 329 4.34 -6.47 23.99
N LEU B 330 3.54 -5.95 23.05
CA LEU B 330 4.04 -5.01 22.04
C LEU B 330 4.53 -3.69 22.64
N VAL B 331 3.80 -3.14 23.60
CA VAL B 331 4.22 -1.93 24.33
C VAL B 331 5.58 -2.16 25.04
N SER B 332 5.75 -3.34 25.63
CA SER B 332 7.00 -3.70 26.30
C SER B 332 8.16 -3.84 25.31
N LEU B 333 7.89 -4.44 24.15
CA LEU B 333 8.87 -4.52 23.06
C LEU B 333 9.28 -3.14 22.55
N ARG B 334 8.30 -2.28 22.31
CA ARG B 334 8.56 -0.91 21.86
C ARG B 334 9.22 -0.02 22.92
N SER B 335 8.89 -0.24 24.19
CA SER B 335 9.54 0.47 25.30
C SER B 335 11.02 0.10 25.38
N TYR B 336 11.29 -1.20 25.41
CA TYR B 336 12.66 -1.71 25.40
C TYR B 336 13.43 -1.31 24.14
N HIS B 337 12.74 -1.27 23.00
CA HIS B 337 13.33 -0.78 21.76
C HIS B 337 13.80 0.69 21.82
N LEU B 338 13.10 1.54 22.60
CA LEU B 338 13.55 2.93 22.84
C LEU B 338 14.84 3.00 23.69
N GLN B 339 15.02 2.04 24.59
CA GLN B 339 16.24 1.94 25.39
C GLN B 339 17.46 1.54 24.53
N ILE B 340 17.19 0.74 23.49
CA ILE B 340 18.22 0.31 22.54
C ILE B 340 18.59 1.41 21.56
N VAL B 341 17.62 2.17 21.08
CA VAL B 341 17.91 3.35 20.24
C VAL B 341 18.75 4.38 21.02
N THR B 342 18.49 4.51 22.32
CA THR B 342 19.32 5.35 23.18
C THR B 342 20.75 4.82 23.27
N LYS B 343 20.89 3.52 23.54
CA LYS B 343 22.23 2.90 23.65
C LYS B 343 23.03 2.91 22.33
N TYR B 344 22.37 2.60 21.21
CA TYR B 344 23.06 2.33 19.94
C TYR B 344 23.10 3.53 18.95
N ILE B 345 22.21 4.52 19.10
CA ILE B 345 22.19 5.69 18.22
C ILE B 345 22.43 6.98 19.00
N LEU B 346 21.60 7.26 19.99
CA LEU B 346 21.64 8.57 20.68
C LEU B 346 22.93 8.84 21.46
N ILE B 347 23.42 7.82 22.18
CA ILE B 347 24.64 7.97 22.99
C ILE B 347 25.92 8.12 22.13
N PRO B 348 26.15 7.19 21.18
CA PRO B 348 27.25 7.37 20.21
C PRO B 348 27.21 8.66 19.39
N ALA B 349 26.00 9.15 19.09
CA ALA B 349 25.83 10.40 18.32
C ALA B 349 26.26 11.65 19.09
N SER B 350 25.98 11.67 20.40
CA SER B 350 26.48 12.72 21.29
C SER B 350 28.00 12.66 21.49
N GLN B 351 28.57 11.45 21.43
CA GLN B 351 30.00 11.21 21.69
C GLN B 351 30.93 11.44 20.49
N GLN B 352 30.41 11.36 19.27
CA GLN B 352 31.26 11.47 18.05
C GLN B 352 31.85 12.86 17.81
N GLY B 372 17.68 12.60 15.61
CA GLY B 372 17.58 12.06 16.96
C GLY B 372 16.29 12.45 17.69
N THR B 373 15.89 13.72 17.56
CA THR B 373 14.65 14.22 18.15
C THR B 373 13.43 13.68 17.39
N ASP B 374 13.40 13.92 16.08
CA ASP B 374 12.34 13.41 15.17
C ASP B 374 12.28 11.88 15.20
N LEU B 375 13.43 11.26 15.40
CA LEU B 375 13.55 9.82 15.51
C LEU B 375 12.80 9.25 16.71
N MET B 376 13.13 9.75 17.90
CA MET B 376 12.49 9.31 19.15
C MET B 376 11.01 9.70 19.20
N ASN B 377 10.63 10.79 18.54
CA ASN B 377 9.22 11.19 18.41
C ASN B 377 8.42 10.18 17.59
N PHE B 378 8.98 9.77 16.44
CA PHE B 378 8.35 8.75 15.60
C PHE B 378 8.09 7.46 16.40
N LEU B 379 9.12 6.99 17.11
CA LEU B 379 9.03 5.74 17.88
C LEU B 379 8.10 5.86 19.09
N LYS B 380 8.20 6.98 19.82
CA LYS B 380 7.28 7.27 20.93
C LYS B 380 5.83 7.41 20.48
N THR B 381 5.61 7.96 19.27
CA THR B 381 4.27 8.05 18.68
C THR B 381 3.70 6.68 18.36
N VAL B 382 4.54 5.78 17.86
CA VAL B 382 4.14 4.40 17.55
C VAL B 382 3.90 3.62 18.85
N ARG B 383 4.77 3.82 19.83
CA ARG B 383 4.59 3.24 21.16
C ARG B 383 3.32 3.78 21.83
N SER B 384 3.07 5.07 21.68
CA SER B 384 1.86 5.71 22.22
C SER B 384 0.57 5.16 21.60
N THR B 385 0.58 4.97 20.28
CA THR B 385 -0.57 4.39 19.56
C THR B 385 -0.88 2.98 20.07
N THR B 386 0.17 2.19 20.32
CA THR B 386 0.04 0.83 20.85
C THR B 386 -0.57 0.82 22.27
N GLU B 387 -0.01 1.66 23.16
CA GLU B 387 -0.45 1.73 24.57
C GLU B 387 -1.88 2.22 24.71
N LYS B 388 -2.27 3.20 23.89
CA LYS B 388 -3.64 3.72 23.88
C LYS B 388 -4.69 2.76 23.27
N SER B 389 -4.25 1.64 22.68
CA SER B 389 -5.15 0.55 22.27
C SER B 389 -5.49 -0.42 23.42
N LEU B 390 -4.82 -0.30 24.56
CA LEU B 390 -5.17 -1.11 25.74
C LEU B 390 -6.60 -0.79 26.17
N LEU B 391 -7.37 -1.83 26.46
CA LEU B 391 -8.75 -1.68 26.94
C LEU B 391 -8.75 -1.33 28.43
N LYS B 392 -7.77 -1.89 29.15
CA LYS B 392 -7.53 -1.61 30.57
C LYS B 392 -6.04 -1.33 30.79
N GLU B 393 -5.72 -0.50 31.80
CA GLU B 393 -4.33 -0.12 32.08
C GLU B 393 -3.50 -1.30 32.59
CHA HEM C . -5.56 9.57 -13.44
CHB HEM C . -7.46 13.55 -15.48
CHC HEM C . -11.49 11.12 -16.61
CHD HEM C . -9.36 7.01 -15.15
C1A HEM C . -5.74 10.86 -13.85
C2A HEM C . -4.86 11.98 -13.57
C3A HEM C . -5.38 13.08 -14.13
C4A HEM C . -6.61 12.70 -14.79
CMA HEM C . -4.78 14.50 -14.10
CAA HEM C . -3.55 11.86 -12.77
CBA HEM C . -3.83 11.58 -11.29
CGA HEM C . -3.93 12.84 -10.47
O1A HEM C . -4.58 12.77 -9.40
O2A HEM C . -3.38 13.90 -10.84
C1B HEM C . -8.70 13.26 -15.97
C2B HEM C . -9.58 14.17 -16.66
C3B HEM C . -10.71 13.51 -16.98
C4B HEM C . -10.57 12.14 -16.50
CMB HEM C . -9.23 15.65 -16.96
CAB HEM C . -11.95 14.04 -17.74
CBB HEM C . -12.45 15.27 -17.53
C1C HEM C . -11.27 9.80 -16.28
C2C HEM C . -12.24 8.71 -16.39
C3C HEM C . -11.64 7.59 -15.99
C4C HEM C . -10.28 7.90 -15.63
CMC HEM C . -13.69 8.87 -16.87
CAC HEM C . -12.28 6.19 -15.92
CBC HEM C . -13.33 5.97 -15.12
C1D HEM C . -8.17 7.30 -14.51
C2D HEM C . -7.33 6.33 -13.84
C3D HEM C . -6.14 7.13 -13.30
C4D HEM C . -6.38 8.49 -13.71
CMD HEM C . -7.57 4.82 -13.69
CAD HEM C . -4.93 6.61 -12.51
CBD HEM C . -3.72 6.43 -13.45
CGD HEM C . -3.90 5.22 -14.33
O1D HEM C . -3.66 5.36 -15.55
O2D HEM C . -4.25 4.11 -13.84
NA HEM C . -6.80 11.34 -14.59
NB HEM C . -9.34 12.03 -15.89
NC HEM C . -10.09 9.27 -15.80
ND HEM C . -7.58 8.54 -14.41
FE HEM C . -8.41 10.30 -15.11
C2 OY4 D . -13.81 12.79 -9.83
C3 OY4 D . -14.82 11.94 -10.22
C4 OY4 D . -14.83 11.40 -11.50
C5 OY4 D . -13.82 11.72 -12.39
C6 OY4 D . -13.27 11.54 -13.77
C7 OY4 D . -12.14 12.48 -13.37
N10 OY4 D . -8.68 11.82 -12.45
C12 OY4 D . -9.69 13.99 -12.46
N13 OY4 D . -10.56 14.92 -12.75
O14 OY4 D . -10.18 15.99 -12.32
C16 OY4 D . -8.64 14.76 -11.74
C18 OY4 D . -6.34 15.64 -10.32
C19 OY4 D . -6.69 15.80 -8.84
C21 OY4 D . -8.64 17.33 -9.00
C24 OY4 D . -12.79 12.57 -12.01
F1 OY4 D . -13.83 13.28 -8.58
N8 OY4 D . -10.82 11.89 -13.36
C9 OY4 D . -9.72 12.53 -12.76
O11 OY4 D . -8.64 10.43 -12.71
N15 OY4 D . -9.11 15.97 -11.77
S17 OY4 D . -7.14 14.17 -11.03
N20 OY4 D . -8.12 16.10 -8.76
C22 OY4 D . -10.13 17.48 -8.91
O23 OY4 D . -7.95 18.30 -9.27
C25 OY4 D . -12.79 13.12 -10.72
CHA HEM E . 12.24 1.22 13.98
CHB HEM E . 16.78 1.51 15.63
CHC HEM E . 16.84 -3.19 16.65
CHD HEM E . 12.13 -3.43 15.50
C1A HEM E . 13.48 1.71 14.29
C2A HEM E . 13.98 3.02 14.00
C3A HEM E . 15.24 3.09 14.46
C4A HEM E . 15.57 1.82 15.05
CMA HEM E . 16.22 4.25 14.41
CAA HEM E . 13.17 4.15 13.29
CBA HEM E . 12.86 3.81 11.83
CGA HEM E . 13.85 4.38 10.85
O1A HEM E . 14.11 3.71 9.80
O2A HEM E . 14.39 5.50 11.07
C1B HEM E . 17.21 0.27 16.05
C2B HEM E . 18.52 -0.02 16.58
C3B HEM E . 18.55 -1.33 16.87
C4B HEM E . 17.24 -1.89 16.54
CMB HEM E . 19.60 1.08 16.74
CAB HEM E . 19.70 -2.16 17.48
CBB HEM E . 20.98 -1.84 17.36
C1C HEM E . 15.58 -3.67 16.38
C2C HEM E . 15.18 -5.06 16.48
C3C HEM E . 13.87 -5.13 16.16
C4C HEM E . 13.41 -3.78 15.87
CMC HEM E . 16.10 -6.24 16.85
CAC HEM E . 13.01 -6.41 16.12
CBC HEM E . 13.41 -7.51 15.44
C1D HEM E . 11.72 -2.22 14.96
C2D HEM E . 10.39 -1.94 14.43
C3D HEM E . 10.43 -0.49 13.95
C4D HEM E . 11.76 -0.04 14.24
CMD HEM E . 9.20 -2.91 14.37
CAD HEM E . 9.29 0.33 13.30
CBD HEM E . 8.61 1.25 14.32
CGD HEM E . 7.93 0.46 15.40
O1D HEM E . 8.11 0.80 16.60
O2D HEM E . 7.21 -0.52 15.09
NA HEM E . 14.48 0.99 14.93
NB HEM E . 16.46 -0.87 16.03
NC HEM E . 14.49 -2.92 16.01
ND HEM E . 12.48 -1.07 14.83
FE HEM E . 14.51 -0.98 15.39
C2 OY4 F . 18.81 -3.77 9.49
C3 OY4 F . 18.59 -5.12 9.71
C4 OY4 F . 18.25 -5.57 10.98
C5 OY4 F . 18.13 -4.68 12.04
C6 OY4 F . 17.84 -4.48 13.49
C7 OY4 F . 18.08 -2.99 13.26
N10 OY4 F . 15.66 -0.33 12.69
C12 OY4 F . 18.00 -0.03 12.56
N13 OY4 F . 19.28 -0.28 12.75
O14 OY4 F . 19.93 0.63 12.33
C16 OY4 F . 18.02 1.30 11.92
C18 OY4 F . 17.47 3.84 10.82
C19 OY4 F . 17.78 3.76 9.32
C21 OY4 F . 20.12 2.96 8.89
C24 OY4 F . 18.36 -3.33 11.81
F1 OY4 F . 19.14 -3.31 8.26
N8 OY4 F . 16.90 -2.15 13.41
C9 OY4 F . 16.82 -0.86 12.90
O11 OY4 F . 14.46 -1.01 12.97
N15 OY4 F . 19.31 1.56 11.85
S17 OY4 F . 16.68 2.29 11.38
N20 OY4 F . 18.79 2.72 9.10
C22 OY4 F . 21.02 1.78 8.68
O23 OY4 F . 20.60 4.08 8.85
C25 OY4 F . 18.69 -2.86 10.54
#